data_1D22
# 
_entry.id   1D22 
# 
_audit_conform.dict_name       mmcif_pdbx.dic 
_audit_conform.dict_version    5.385 
_audit_conform.dict_location   http://mmcif.pdb.org/dictionaries/ascii/mmcif_pdbx.dic 
# 
loop_
_database_2.database_id 
_database_2.database_code 
_database_2.pdbx_database_accession 
_database_2.pdbx_DOI 
PDB   1D22         pdb_00001d22 10.2210/pdb1d22/pdb 
RCSB  DDFA15       ?            ?                   
WWPDB D_1000172627 ?            ?                   
# 
loop_
_pdbx_audit_revision_history.ordinal 
_pdbx_audit_revision_history.data_content_type 
_pdbx_audit_revision_history.major_revision 
_pdbx_audit_revision_history.minor_revision 
_pdbx_audit_revision_history.revision_date 
1 'Structure model' 1 0 1991-07-15 
2 'Structure model' 1 1 2008-05-22 
3 'Structure model' 1 2 2011-07-13 
4 'Structure model' 1 3 2024-02-07 
# 
_pdbx_audit_revision_details.ordinal             1 
_pdbx_audit_revision_details.revision_ordinal    1 
_pdbx_audit_revision_details.data_content_type   'Structure model' 
_pdbx_audit_revision_details.provider            repository 
_pdbx_audit_revision_details.type                'Initial release' 
_pdbx_audit_revision_details.description         ? 
_pdbx_audit_revision_details.details             ? 
# 
loop_
_pdbx_audit_revision_group.ordinal 
_pdbx_audit_revision_group.revision_ordinal 
_pdbx_audit_revision_group.data_content_type 
_pdbx_audit_revision_group.group 
1 2 'Structure model' 'Version format compliance' 
2 3 'Structure model' 'Version format compliance' 
3 4 'Structure model' 'Data collection'           
4 4 'Structure model' 'Database references'       
5 4 'Structure model' 'Derived calculations'      
# 
loop_
_pdbx_audit_revision_category.ordinal 
_pdbx_audit_revision_category.revision_ordinal 
_pdbx_audit_revision_category.data_content_type 
_pdbx_audit_revision_category.category 
1 4 'Structure model' chem_comp_atom 
2 4 'Structure model' chem_comp_bond 
3 4 'Structure model' database_2     
4 4 'Structure model' struct_conn    
5 4 'Structure model' struct_site    
# 
loop_
_pdbx_audit_revision_item.ordinal 
_pdbx_audit_revision_item.revision_ordinal 
_pdbx_audit_revision_item.data_content_type 
_pdbx_audit_revision_item.item 
1 4 'Structure model' '_database_2.pdbx_DOI'                
2 4 'Structure model' '_database_2.pdbx_database_accession' 
3 4 'Structure model' '_struct_conn.pdbx_leaving_atom_flag' 
4 4 'Structure model' '_struct_site.pdbx_auth_asym_id'      
5 4 'Structure model' '_struct_site.pdbx_auth_comp_id'      
6 4 'Structure model' '_struct_site.pdbx_auth_seq_id'       
# 
_pdbx_database_status.status_code                     REL 
_pdbx_database_status.entry_id                        1D22 
_pdbx_database_status.recvd_initial_deposition_date   1990-08-08 
_pdbx_database_status.deposit_site                    BNL 
_pdbx_database_status.process_site                    BNL 
_pdbx_database_status.SG_entry                        . 
_pdbx_database_status.pdb_format_compatible           Y 
_pdbx_database_status.status_code_mr                  ? 
_pdbx_database_status.status_code_sf                  ? 
_pdbx_database_status.status_code_cs                  ? 
_pdbx_database_status.status_code_nmr_data            ? 
_pdbx_database_status.methods_development_category    ? 
# 
loop_
_audit_author.name 
_audit_author.pdbx_ordinal 
'Gao, Y.-G.'    1 
'Liaw, Y.-C.'   2 
'Robinson, H.'  3 
'Wang, A.H.-J.' 4 
# 
loop_
_citation.id 
_citation.title 
_citation.journal_abbrev 
_citation.journal_volume 
_citation.page_first 
_citation.page_last 
_citation.year 
_citation.journal_id_ASTM 
_citation.country 
_citation.journal_id_ISSN 
_citation.journal_id_CSD 
_citation.book_publisher 
_citation.pdbx_database_id_PubMed 
_citation.pdbx_database_id_DOI 
primary 'Binding of the antitumor drug nogalamycin and its derivatives to DNA: structural comparison.'                        
Biochemistry         29 10307 10316 1990 BICHAW US 0006-2960 0033 ? 2261474 10.1021/bi00497a004 
1       'NMR Studies on the Binding of Antitumor Drug Nogalamycin to DNA Hexamer d(CGTACG)'                                   
'Nucleic Acids Res.' 18 4851  4858  1990 NARHAD UK 0305-1048 0389 ? ?       ?                   
2       'Antitumor Drug Nogalamycin Binds DNA in Both Grooves Simultaneously: Molecular Structure of Nogalamycin-DNA Complex' 
Biochemistry         28 9913  9918  1989 BICHAW US 0006-2960 0033 ? ?       ?                   
# 
loop_
_citation_author.citation_id 
_citation_author.name 
_citation_author.ordinal 
_citation_author.identifier_ORCID 
primary 'Gao, Y.G.'           1  ? 
primary 'Liaw, Y.C.'          2  ? 
primary 'Robinson, H.'        3  ? 
primary 'Wang, A.H.'          4  ? 
1       'Robinson, H.'        5  ? 
1       'Liaw, Y.-C.'         6  ? 
1       'Van Der Marel, G.A.' 7  ? 
1       'Van Boom, J.H.'      8  ? 
1       'Wang, A.H.-J.'       9  ? 
2       'Liaw, Y.-C.'         10 ? 
2       'Gao, Y.-G.'          11 ? 
2       'Robinson, H.'        12 ? 
2       'Van Der Marel, G.A.' 13 ? 
2       'Van Boom, J.H.'      14 ? 
2       'Wang, A.H.-J.'       15 ? 
# 
loop_
_entity.id 
_entity.type 
_entity.src_method 
_entity.pdbx_description 
_entity.formula_weight 
_entity.pdbx_number_of_molecules 
_entity.pdbx_ec 
_entity.pdbx_mutation 
_entity.pdbx_fragment 
_entity.details 
1 polymer     syn 
;DNA (5'-D(*(5CM)P*GP*TP*(AS)P*(5CM)P*G)-3')
;
1853.336 2  ? ? ? ? 
2 non-polymer syn 'U-58872, HYDROXY DERIVATIVE OF NOGALAMYCIN'  803.803  2  ? ? ? ? 
3 water       nat water                                         18.015   75 ? ? ? ? 
# 
_entity_poly.entity_id                      1 
_entity_poly.type                           polydeoxyribonucleotide 
_entity_poly.nstd_linkage                   no 
_entity_poly.nstd_monomer                   yes 
_entity_poly.pdbx_seq_one_letter_code       '(5CM)(DG)(DT)(AS)(5CM)(DG)' 
_entity_poly.pdbx_seq_one_letter_code_can   CGTACG 
_entity_poly.pdbx_strand_id                 A,B 
_entity_poly.pdbx_target_identifier         ? 
# 
loop_
_pdbx_entity_nonpoly.entity_id 
_pdbx_entity_nonpoly.name 
_pdbx_entity_nonpoly.comp_id 
2 'U-58872, HYDROXY DERIVATIVE OF NOGALAMYCIN' NGU 
3 water                                        HOH 
# 
loop_
_entity_poly_seq.entity_id 
_entity_poly_seq.num 
_entity_poly_seq.mon_id 
_entity_poly_seq.hetero 
1 1 5CM n 
1 2 DG  n 
1 3 DT  n 
1 4 AS  n 
1 5 5CM n 
1 6 DG  n 
# 
loop_
_chem_comp.id 
_chem_comp.type 
_chem_comp.mon_nstd_flag 
_chem_comp.name 
_chem_comp.pdbx_synonyms 
_chem_comp.formula 
_chem_comp.formula_weight 
5CM 'DNA linking' n "5-METHYL-2'-DEOXY-CYTIDINE-5'-MONOPHOSPHATE" ? 'C10 H16 N3 O7 P'   321.224 
AS  'DNA linking' n 
;2-DEOXY-ADENOSINE -5'-THIO-MONOPHOSPHATE
;
? 'C10 H14 N5 O5 P S' 347.287 
DG  'DNA linking' y "2'-DEOXYGUANOSINE-5'-MONOPHOSPHATE"          ? 'C10 H14 N5 O7 P'   347.221 
DT  'DNA linking' y "THYMIDINE-5'-MONOPHOSPHATE"                  ? 'C10 H15 N2 O8 P'   322.208 
HOH non-polymer   . WATER                                         ? 'H2 O'              18.015  
NGU non-polymer   . 'U-58872, HYDROXY DERIVATIVE OF NOGALAMYCIN'  ? 'C39 H49 N O17'     803.803 
# 
loop_
_pdbx_poly_seq_scheme.asym_id 
_pdbx_poly_seq_scheme.entity_id 
_pdbx_poly_seq_scheme.seq_id 
_pdbx_poly_seq_scheme.mon_id 
_pdbx_poly_seq_scheme.ndb_seq_num 
_pdbx_poly_seq_scheme.pdb_seq_num 
_pdbx_poly_seq_scheme.auth_seq_num 
_pdbx_poly_seq_scheme.pdb_mon_id 
_pdbx_poly_seq_scheme.auth_mon_id 
_pdbx_poly_seq_scheme.pdb_strand_id 
_pdbx_poly_seq_scheme.pdb_ins_code 
_pdbx_poly_seq_scheme.hetero 
A 1 1 5CM 1 1  1  5CM +C A . n 
A 1 2 DG  2 2  2  DG  G  A . n 
A 1 3 DT  3 3  3  DT  T  A . n 
A 1 4 AS  4 4  4  AS  +A A . n 
A 1 5 5CM 5 5  5  5CM +C A . n 
A 1 6 DG  6 6  6  DG  G  A . n 
B 1 1 5CM 1 7  7  5CM +C B . n 
B 1 2 DG  2 8  8  DG  G  B . n 
B 1 3 DT  3 9  9  DT  T  B . n 
B 1 4 AS  4 10 10 AS  +A B . n 
B 1 5 5CM 5 11 11 5CM +C B . n 
B 1 6 DG  6 12 12 DG  G  B . n 
# 
loop_
_pdbx_nonpoly_scheme.asym_id 
_pdbx_nonpoly_scheme.entity_id 
_pdbx_nonpoly_scheme.mon_id 
_pdbx_nonpoly_scheme.ndb_seq_num 
_pdbx_nonpoly_scheme.pdb_seq_num 
_pdbx_nonpoly_scheme.auth_seq_num 
_pdbx_nonpoly_scheme.pdb_mon_id 
_pdbx_nonpoly_scheme.auth_mon_id 
_pdbx_nonpoly_scheme.pdb_strand_id 
_pdbx_nonpoly_scheme.pdb_ins_code 
C 2 NGU 1  13 13 NGU NGU B . 
D 2 NGU 1  14 14 NGU NGU B . 
E 3 HOH 1  15 15 HOH HOH A . 
E 3 HOH 2  27 27 HOH HOH A . 
E 3 HOH 3  31 31 HOH HOH A . 
E 3 HOH 4  33 33 HOH HOH A . 
E 3 HOH 5  35 35 HOH HOH A . 
E 3 HOH 6  36 36 HOH HOH A . 
E 3 HOH 7  37 37 HOH HOH A . 
E 3 HOH 8  38 38 HOH HOH A . 
E 3 HOH 9  39 39 HOH HOH A . 
E 3 HOH 10 45 45 HOH HOH A . 
E 3 HOH 11 46 46 HOH HOH A . 
E 3 HOH 12 47 47 HOH HOH A . 
E 3 HOH 13 55 55 HOH HOH A . 
E 3 HOH 14 56 56 HOH HOH A . 
E 3 HOH 15 57 57 HOH HOH A . 
E 3 HOH 16 58 58 HOH HOH A . 
E 3 HOH 17 59 59 HOH HOH A . 
E 3 HOH 18 63 63 HOH HOH A . 
E 3 HOH 19 68 68 HOH HOH A . 
E 3 HOH 20 69 69 HOH HOH A . 
E 3 HOH 21 70 70 HOH HOH A . 
E 3 HOH 22 71 71 HOH HOH A . 
E 3 HOH 23 72 72 HOH HOH A . 
E 3 HOH 24 73 73 HOH HOH A . 
E 3 HOH 25 75 75 HOH HOH A . 
E 3 HOH 26 76 76 HOH HOH A . 
E 3 HOH 27 88 88 HOH HOH A . 
F 3 HOH 1  16 16 HOH HOH B . 
F 3 HOH 2  17 17 HOH HOH B . 
F 3 HOH 3  18 18 HOH HOH B . 
F 3 HOH 4  19 19 HOH HOH B . 
F 3 HOH 5  20 20 HOH HOH B . 
F 3 HOH 6  21 21 HOH HOH B . 
F 3 HOH 7  22 22 HOH HOH B . 
F 3 HOH 8  23 23 HOH HOH B . 
F 3 HOH 9  24 24 HOH HOH B . 
F 3 HOH 10 25 25 HOH HOH B . 
F 3 HOH 11 26 26 HOH HOH B . 
F 3 HOH 12 28 28 HOH HOH B . 
F 3 HOH 13 29 29 HOH HOH B . 
F 3 HOH 14 30 30 HOH HOH B . 
F 3 HOH 15 32 32 HOH HOH B . 
F 3 HOH 16 34 34 HOH HOH B . 
F 3 HOH 17 40 40 HOH HOH B . 
F 3 HOH 18 41 41 HOH HOH B . 
F 3 HOH 19 42 42 HOH HOH B . 
F 3 HOH 20 43 43 HOH HOH B . 
F 3 HOH 21 44 44 HOH HOH B . 
F 3 HOH 22 48 48 HOH HOH B . 
F 3 HOH 23 49 49 HOH HOH B . 
F 3 HOH 24 50 50 HOH HOH B . 
F 3 HOH 25 51 51 HOH HOH B . 
F 3 HOH 26 52 52 HOH HOH B . 
F 3 HOH 27 53 53 HOH HOH B . 
F 3 HOH 28 54 54 HOH HOH B . 
F 3 HOH 29 60 60 HOH HOH B . 
F 3 HOH 30 61 61 HOH HOH B . 
F 3 HOH 31 62 62 HOH HOH B . 
F 3 HOH 32 64 64 HOH HOH B . 
F 3 HOH 33 65 65 HOH HOH B . 
F 3 HOH 34 66 66 HOH HOH B . 
F 3 HOH 35 67 67 HOH HOH B . 
F 3 HOH 36 74 74 HOH HOH B . 
F 3 HOH 37 77 77 HOH HOH B . 
F 3 HOH 38 78 78 HOH HOH B . 
F 3 HOH 39 79 79 HOH HOH B . 
F 3 HOH 40 80 80 HOH HOH B . 
F 3 HOH 41 81 81 HOH HOH B . 
F 3 HOH 42 82 82 HOH HOH B . 
F 3 HOH 43 83 83 HOH HOH B . 
F 3 HOH 44 84 84 HOH HOH B . 
F 3 HOH 45 85 85 HOH HOH B . 
F 3 HOH 46 86 86 HOH HOH B . 
F 3 HOH 47 87 87 HOH HOH B . 
F 3 HOH 48 89 89 HOH HOH B . 
# 
_software.name             NUCLSQ 
_software.classification   refinement 
_software.version          . 
_software.citation_id      ? 
_software.pdbx_ordinal     1 
# 
_cell.entry_id           1D22 
_cell.length_a           26.270 
_cell.length_b           26.270 
_cell.length_c           100.230 
_cell.angle_alpha        90.00 
_cell.angle_beta         90.00 
_cell.angle_gamma        120.00 
_cell.Z_PDB              12 
_cell.pdbx_unique_axis   ? 
# 
_symmetry.entry_id                         1D22 
_symmetry.space_group_name_H-M             'P 61' 
_symmetry.pdbx_full_space_group_name_H-M   ? 
_symmetry.cell_setting                     ? 
_symmetry.Int_Tables_number                169 
# 
_exptl.entry_id          1D22 
_exptl.method            'X-RAY DIFFRACTION' 
_exptl.crystals_number   ? 
# 
_exptl_crystal.id                    1 
_exptl_crystal.density_meas          ? 
_exptl_crystal.density_Matthews      2.69 
_exptl_crystal.density_percent_sol   54.33 
_exptl_crystal.description           ? 
# 
_exptl_crystal_grow.crystal_id      1 
_exptl_crystal_grow.method          'VAPOR DIFFUSION' 
_exptl_crystal_grow.temp            298.00 
_exptl_crystal_grow.temp_details    ? 
_exptl_crystal_grow.pH              5.00 
_exptl_crystal_grow.pdbx_details    'pH 5.00, VAPOR DIFFUSION, temperature 298.00K' 
_exptl_crystal_grow.pdbx_pH_range   ? 
# 
loop_
_exptl_crystal_grow_comp.crystal_id 
_exptl_crystal_grow_comp.id 
_exptl_crystal_grow_comp.sol_id 
_exptl_crystal_grow_comp.name 
_exptl_crystal_grow_comp.volume 
_exptl_crystal_grow_comp.conc 
_exptl_crystal_grow_comp.details 
1 1 1 WATER           ? ? ? 
1 2 1 'PEG 400'       ? ? ? 
1 3 1 MGCL2           ? ? ? 
1 4 1 'NA CACODYLATE' ? ? ? 
1 5 2 WATER           ? ? ? 
1 6 2 'PEG 400'       ? ? ? 
# 
_diffrn.id                     1 
_diffrn.ambient_temp           298.00 
_diffrn.ambient_temp_details   ? 
_diffrn.crystal_id             1 
# 
_diffrn_detector.diffrn_id              1 
_diffrn_detector.detector               DIFFRACTOMETER 
_diffrn_detector.type                   'RIGAKU AFC-5R' 
_diffrn_detector.pdbx_collection_date   ? 
_diffrn_detector.details                ? 
# 
_diffrn_radiation.diffrn_id                        1 
_diffrn_radiation.wavelength_id                    1 
_diffrn_radiation.pdbx_monochromatic_or_laue_m_l   ? 
_diffrn_radiation.monochromator                    ? 
_diffrn_radiation.pdbx_diffrn_protocol             ? 
_diffrn_radiation.pdbx_scattering_type             x-ray 
# 
_diffrn_radiation_wavelength.id           1 
_diffrn_radiation_wavelength.wavelength   1.5418 
_diffrn_radiation_wavelength.wt           1.0 
# 
_diffrn_source.diffrn_id                   1 
_diffrn_source.source                      'ROTATING ANODE' 
_diffrn_source.type                        RIGAKU 
_diffrn_source.pdbx_synchrotron_site       ? 
_diffrn_source.pdbx_synchrotron_beamline   ? 
_diffrn_source.pdbx_wavelength             1.5418 
_diffrn_source.pdbx_wavelength_list        ? 
# 
_reflns.entry_id                     1D22 
_reflns.observed_criterion_sigma_I   ? 
_reflns.observed_criterion_sigma_F   2.000 
_reflns.d_resolution_low             ? 
_reflns.d_resolution_high            1.800 
_reflns.number_obs                   2143 
_reflns.number_all                   4210 
_reflns.percent_possible_obs         ? 
_reflns.pdbx_Rmerge_I_obs            ? 
_reflns.pdbx_Rsym_value              ? 
_reflns.pdbx_netI_over_sigmaI        ? 
_reflns.B_iso_Wilson_estimate        ? 
_reflns.pdbx_redundancy              ? 
_reflns.pdbx_diffrn_id               1 
_reflns.pdbx_ordinal                 1 
# 
_refine.entry_id                                 1D22 
_refine.ls_number_reflns_obs                     2143 
_refine.ls_number_reflns_all                     ? 
_refine.pdbx_ls_sigma_I                          ? 
_refine.pdbx_ls_sigma_F                          2.000 
_refine.pdbx_data_cutoff_high_absF               ? 
_refine.pdbx_data_cutoff_low_absF                ? 
_refine.pdbx_data_cutoff_high_rms_absF           ? 
_refine.ls_d_res_low                             ? 
_refine.ls_d_res_high                            1.800 
_refine.ls_percent_reflns_obs                    ? 
_refine.ls_R_factor_obs                          0.196 
_refine.ls_R_factor_all                          ? 
_refine.ls_R_factor_R_work                       ? 
_refine.ls_R_factor_R_free                       ? 
_refine.ls_R_factor_R_free_error                 ? 
_refine.ls_R_factor_R_free_error_details         ? 
_refine.ls_percent_reflns_R_free                 ? 
_refine.ls_number_reflns_R_free                  ? 
_refine.ls_number_parameters                     ? 
_refine.ls_number_restraints                     ? 
_refine.occupancy_min                            ? 
_refine.occupancy_max                            ? 
_refine.B_iso_mean                               ? 
_refine.aniso_B[1][1]                            ? 
_refine.aniso_B[2][2]                            ? 
_refine.aniso_B[3][3]                            ? 
_refine.aniso_B[1][2]                            ? 
_refine.aniso_B[1][3]                            ? 
_refine.aniso_B[2][3]                            ? 
_refine.solvent_model_details                    ? 
_refine.solvent_model_param_ksol                 ? 
_refine.solvent_model_param_bsol                 ? 
_refine.pdbx_ls_cross_valid_method               ? 
_refine.details                                  ? 
_refine.pdbx_starting_model                      ? 
_refine.pdbx_method_to_determine_struct          ? 
_refine.pdbx_isotropic_thermal_model             ? 
_refine.pdbx_stereochemistry_target_values       ? 
_refine.pdbx_stereochem_target_val_spec_case     ? 
_refine.pdbx_R_Free_selection_details            ? 
_refine.pdbx_overall_ESU_R                       ? 
_refine.pdbx_overall_ESU_R_Free                  ? 
_refine.overall_SU_ML                            ? 
_refine.overall_SU_B                             ? 
_refine.pdbx_refine_id                           'X-RAY DIFFRACTION' 
_refine.pdbx_diffrn_id                           1 
_refine.pdbx_TLS_residual_ADP_flag               ? 
_refine.correlation_coeff_Fo_to_Fc               ? 
_refine.correlation_coeff_Fo_to_Fc_free          ? 
_refine.pdbx_solvent_vdw_probe_radii             ? 
_refine.pdbx_solvent_ion_probe_radii             ? 
_refine.pdbx_solvent_shrinkage_radii             ? 
_refine.pdbx_overall_phase_error                 ? 
_refine.overall_SU_R_Cruickshank_DPI             ? 
_refine.pdbx_overall_SU_R_free_Cruickshank_DPI   ? 
_refine.pdbx_overall_SU_R_Blow_DPI               ? 
_refine.pdbx_overall_SU_R_free_Blow_DPI          ? 
# 
_refine_hist.pdbx_refine_id                   'X-RAY DIFFRACTION' 
_refine_hist.cycle_id                         LAST 
_refine_hist.pdbx_number_atoms_protein        0 
_refine_hist.pdbx_number_atoms_nucleic_acid   238 
_refine_hist.pdbx_number_atoms_ligand         120 
_refine_hist.number_atoms_solvent             75 
_refine_hist.number_atoms_total               433 
_refine_hist.d_res_high                       1.800 
_refine_hist.d_res_low                        . 
# 
loop_
_refine_ls_restr.type 
_refine_ls_restr.dev_ideal 
_refine_ls_restr.dev_ideal_target 
_refine_ls_restr.weight 
_refine_ls_restr.number 
_refine_ls_restr.pdbx_refine_id 
_refine_ls_restr.pdbx_restraint_function 
n_bond_d               0.025 ? ? ? 'X-RAY DIFFRACTION' ? 
n_angle_d              0.040 ? ? ? 'X-RAY DIFFRACTION' ? 
n_planar_d             ?     ? ? ? 'X-RAY DIFFRACTION' ? 
n_hb_or_metal_coord    ?     ? ? ? 'X-RAY DIFFRACTION' ? 
n_sugar_bond_it        ?     ? ? ? 'X-RAY DIFFRACTION' ? 
n_sugar_angle_it       ?     ? ? ? 'X-RAY DIFFRACTION' ? 
n_phos_bond_it         ?     ? ? ? 'X-RAY DIFFRACTION' ? 
n_phos_angle_it        ?     ? ? ? 'X-RAY DIFFRACTION' ? 
n_bond_angle_restr     ?     ? ? ? 'X-RAY DIFFRACTION' ? 
n_dihedral_angle_restr ?     ? ? ? 'X-RAY DIFFRACTION' ? 
n_impr_tor             ?     ? ? ? 'X-RAY DIFFRACTION' ? 
n_sugar_bond_d         ?     ? ? ? 'X-RAY DIFFRACTION' ? 
n_sugar_bond_angle_d   ?     ? ? ? 'X-RAY DIFFRACTION' ? 
n_phos_bond_d          ?     ? ? ? 'X-RAY DIFFRACTION' ? 
n_phos_bond_angle_d    ?     ? ? ? 'X-RAY DIFFRACTION' ? 
n_plane_restr          ?     ? ? ? 'X-RAY DIFFRACTION' ? 
n_chiral_restr         ?     ? ? ? 'X-RAY DIFFRACTION' ? 
n_singtor_nbd          ?     ? ? ? 'X-RAY DIFFRACTION' ? 
n_multtor_nbd          ?     ? ? ? 'X-RAY DIFFRACTION' ? 
n_xhyhbond_nbd         ?     ? ? ? 'X-RAY DIFFRACTION' ? 
# 
_struct.entry_id                  1D22 
_struct.title                     'BINDING OF THE ANTITUMOR DRUG NOGALAMYCIN AND ITS DERIVATIVES TO DNA: STRUCTURAL COMPARISON' 
_struct.pdbx_model_details        ? 
_struct.pdbx_CASP_flag            ? 
_struct.pdbx_model_type_details   ? 
# 
_struct_keywords.entry_id        1D22 
_struct_keywords.pdbx_keywords   DNA 
_struct_keywords.text            'RIGHT HANDED DNA, DOUBLE HELIX, COMPLEXED WITH DRUG, MODIFIED, DNA' 
# 
loop_
_struct_asym.id 
_struct_asym.pdbx_blank_PDB_chainid_flag 
_struct_asym.pdbx_modified 
_struct_asym.entity_id 
_struct_asym.details 
A N N 1 ? 
B N N 1 ? 
C N N 2 ? 
D N N 2 ? 
E N N 3 ? 
F N N 3 ? 
# 
_struct_ref.id                         1 
_struct_ref.entity_id                  1 
_struct_ref.db_name                    PDB 
_struct_ref.db_code                    1D22 
_struct_ref.pdbx_db_accession          1D22 
_struct_ref.pdbx_db_isoform            ? 
_struct_ref.pdbx_seq_one_letter_code   ? 
_struct_ref.pdbx_align_begin           ? 
# 
loop_
_struct_ref_seq.align_id 
_struct_ref_seq.ref_id 
_struct_ref_seq.pdbx_PDB_id_code 
_struct_ref_seq.pdbx_strand_id 
_struct_ref_seq.seq_align_beg 
_struct_ref_seq.pdbx_seq_align_beg_ins_code 
_struct_ref_seq.seq_align_end 
_struct_ref_seq.pdbx_seq_align_end_ins_code 
_struct_ref_seq.pdbx_db_accession 
_struct_ref_seq.db_align_beg 
_struct_ref_seq.pdbx_db_align_beg_ins_code 
_struct_ref_seq.db_align_end 
_struct_ref_seq.pdbx_db_align_end_ins_code 
_struct_ref_seq.pdbx_auth_seq_align_beg 
_struct_ref_seq.pdbx_auth_seq_align_end 
1 1 1D22 A 1 ? 6 ? 1D22 1 ? 6  ? 1 6  
2 1 1D22 B 1 ? 6 ? 1D22 7 ? 12 ? 7 12 
# 
_pdbx_struct_assembly.id                   1 
_pdbx_struct_assembly.details              author_defined_assembly 
_pdbx_struct_assembly.method_details       ? 
_pdbx_struct_assembly.oligomeric_details   dimeric 
_pdbx_struct_assembly.oligomeric_count     2 
# 
_pdbx_struct_assembly_gen.assembly_id       1 
_pdbx_struct_assembly_gen.oper_expression   1 
_pdbx_struct_assembly_gen.asym_id_list      A,B,C,D,E,F 
# 
_pdbx_struct_oper_list.id                   1 
_pdbx_struct_oper_list.type                 'identity operation' 
_pdbx_struct_oper_list.name                 1_555 
_pdbx_struct_oper_list.symmetry_operation   x,y,z 
_pdbx_struct_oper_list.matrix[1][1]         1.0000000000 
_pdbx_struct_oper_list.matrix[1][2]         0.0000000000 
_pdbx_struct_oper_list.matrix[1][3]         0.0000000000 
_pdbx_struct_oper_list.vector[1]            0.0000000000 
_pdbx_struct_oper_list.matrix[2][1]         0.0000000000 
_pdbx_struct_oper_list.matrix[2][2]         1.0000000000 
_pdbx_struct_oper_list.matrix[2][3]         0.0000000000 
_pdbx_struct_oper_list.vector[2]            0.0000000000 
_pdbx_struct_oper_list.matrix[3][1]         0.0000000000 
_pdbx_struct_oper_list.matrix[3][2]         0.0000000000 
_pdbx_struct_oper_list.matrix[3][3]         1.0000000000 
_pdbx_struct_oper_list.vector[3]            0.0000000000 
# 
_struct_biol.id   1 
# 
loop_
_struct_conn.id 
_struct_conn.conn_type_id 
_struct_conn.pdbx_leaving_atom_flag 
_struct_conn.pdbx_PDB_id 
_struct_conn.ptnr1_label_asym_id 
_struct_conn.ptnr1_label_comp_id 
_struct_conn.ptnr1_label_seq_id 
_struct_conn.ptnr1_label_atom_id 
_struct_conn.pdbx_ptnr1_label_alt_id 
_struct_conn.pdbx_ptnr1_PDB_ins_code 
_struct_conn.pdbx_ptnr1_standard_comp_id 
_struct_conn.ptnr1_symmetry 
_struct_conn.ptnr2_label_asym_id 
_struct_conn.ptnr2_label_comp_id 
_struct_conn.ptnr2_label_seq_id 
_struct_conn.ptnr2_label_atom_id 
_struct_conn.pdbx_ptnr2_label_alt_id 
_struct_conn.pdbx_ptnr2_PDB_ins_code 
_struct_conn.ptnr1_auth_asym_id 
_struct_conn.ptnr1_auth_comp_id 
_struct_conn.ptnr1_auth_seq_id 
_struct_conn.ptnr2_auth_asym_id 
_struct_conn.ptnr2_auth_comp_id 
_struct_conn.ptnr2_auth_seq_id 
_struct_conn.ptnr2_symmetry 
_struct_conn.pdbx_ptnr3_label_atom_id 
_struct_conn.pdbx_ptnr3_label_seq_id 
_struct_conn.pdbx_ptnr3_label_comp_id 
_struct_conn.pdbx_ptnr3_label_asym_id 
_struct_conn.pdbx_ptnr3_label_alt_id 
_struct_conn.pdbx_ptnr3_PDB_ins_code 
_struct_conn.details 
_struct_conn.pdbx_dist_value 
_struct_conn.pdbx_value_order 
_struct_conn.pdbx_role 
covale1  covale both ? A 5CM 1 "O3'" ? ? ? 1_555 A DG  2 P  ? ? A 5CM 1  A DG  2  1_555 ? ? ? ? ? ? ?            1.669 ? ? 
covale2  covale both ? A DT  3 "O3'" ? ? ? 1_555 A AS  4 P  ? ? A DT  3  A AS  4  1_555 ? ? ? ? ? ? ?            1.661 ? ? 
covale3  covale both ? A AS  4 "O3'" ? ? ? 1_555 A 5CM 5 P  ? ? A AS  4  A 5CM 5  1_555 ? ? ? ? ? ? ?            1.622 ? ? 
covale4  covale both ? A 5CM 5 "O3'" ? ? ? 1_555 A DG  6 P  ? ? A 5CM 5  A DG  6  1_555 ? ? ? ? ? ? ?            1.613 ? ? 
covale5  covale both ? B 5CM 1 "O3'" ? ? ? 1_555 B DG  2 P  ? ? B 5CM 7  B DG  8  1_555 ? ? ? ? ? ? ?            1.530 ? ? 
covale6  covale both ? B DT  3 "O3'" ? ? ? 1_555 B AS  4 P  ? ? B DT  9  B AS  10 1_555 ? ? ? ? ? ? ?            1.605 ? ? 
covale7  covale both ? B AS  4 "O3'" ? ? ? 1_555 B 5CM 5 P  ? ? B AS  10 B 5CM 11 1_555 ? ? ? ? ? ? ?            1.577 ? ? 
covale8  covale both ? B 5CM 5 "O3'" ? ? ? 1_555 B DG  6 P  ? ? B 5CM 11 B DG  12 1_555 ? ? ? ? ? ? ?            1.671 ? ? 
hydrog1  hydrog ?    ? A 5CM 1 N3    ? ? ? 1_555 B DG  6 N1 ? ? A 5CM 1  B DG  12 1_555 ? ? ? ? ? ? WATSON-CRICK ?     ? ? 
hydrog2  hydrog ?    ? A 5CM 1 N4    ? ? ? 1_555 B DG  6 O6 ? ? A 5CM 1  B DG  12 1_555 ? ? ? ? ? ? WATSON-CRICK ?     ? ? 
hydrog3  hydrog ?    ? A 5CM 1 O2    ? ? ? 1_555 B DG  6 N2 ? ? A 5CM 1  B DG  12 1_555 ? ? ? ? ? ? WATSON-CRICK ?     ? ? 
hydrog4  hydrog ?    ? A DG  2 N1    ? ? ? 1_555 B 5CM 5 N3 ? ? A DG  2  B 5CM 11 1_555 ? ? ? ? ? ? WATSON-CRICK ?     ? ? 
hydrog5  hydrog ?    ? A DG  2 N2    ? ? ? 1_555 B 5CM 5 O2 ? ? A DG  2  B 5CM 11 1_555 ? ? ? ? ? ? WATSON-CRICK ?     ? ? 
hydrog6  hydrog ?    ? A DG  2 O6    ? ? ? 1_555 B 5CM 5 N4 ? ? A DG  2  B 5CM 11 1_555 ? ? ? ? ? ? WATSON-CRICK ?     ? ? 
hydrog7  hydrog ?    ? A DT  3 N3    ? ? ? 1_555 B AS  4 N1 ? ? A DT  3  B AS  10 1_555 ? ? ? ? ? ? WATSON-CRICK ?     ? ? 
hydrog8  hydrog ?    ? A DT  3 O4    ? ? ? 1_555 B AS  4 N6 ? ? A DT  3  B AS  10 1_555 ? ? ? ? ? ? WATSON-CRICK ?     ? ? 
hydrog9  hydrog ?    ? A AS  4 N1    ? ? ? 1_555 B DT  3 N3 ? ? A AS  4  B DT  9  1_555 ? ? ? ? ? ? WATSON-CRICK ?     ? ? 
hydrog10 hydrog ?    ? A AS  4 N6    ? ? ? 1_555 B DT  3 O4 ? ? A AS  4  B DT  9  1_555 ? ? ? ? ? ? WATSON-CRICK ?     ? ? 
hydrog11 hydrog ?    ? A 5CM 5 N3    ? ? ? 1_555 B DG  2 N1 ? ? A 5CM 5  B DG  8  1_555 ? ? ? ? ? ? WATSON-CRICK ?     ? ? 
hydrog12 hydrog ?    ? A 5CM 5 N4    ? ? ? 1_555 B DG  2 O6 ? ? A 5CM 5  B DG  8  1_555 ? ? ? ? ? ? WATSON-CRICK ?     ? ? 
hydrog13 hydrog ?    ? A 5CM 5 O2    ? ? ? 1_555 B DG  2 N2 ? ? A 5CM 5  B DG  8  1_555 ? ? ? ? ? ? WATSON-CRICK ?     ? ? 
hydrog14 hydrog ?    ? A DG  6 N1    ? ? ? 1_555 B 5CM 1 N3 ? ? A DG  6  B 5CM 7  1_555 ? ? ? ? ? ? WATSON-CRICK ?     ? ? 
hydrog15 hydrog ?    ? A DG  6 N2    ? ? ? 1_555 B 5CM 1 O2 ? ? A DG  6  B 5CM 7  1_555 ? ? ? ? ? ? WATSON-CRICK ?     ? ? 
hydrog16 hydrog ?    ? A DG  6 O6    ? ? ? 1_555 B 5CM 1 N4 ? ? A DG  6  B 5CM 7  1_555 ? ? ? ? ? ? WATSON-CRICK ?     ? ? 
# 
loop_
_struct_conn_type.id 
_struct_conn_type.criteria 
_struct_conn_type.reference 
covale ? ? 
hydrog ? ? 
# 
loop_
_struct_site.id 
_struct_site.pdbx_evidence_code 
_struct_site.pdbx_auth_asym_id 
_struct_site.pdbx_auth_comp_id 
_struct_site.pdbx_auth_seq_id 
_struct_site.pdbx_auth_ins_code 
_struct_site.pdbx_num_residues 
_struct_site.details 
AC1 Software B NGU 13 ? 18 'BINDING SITE FOR RESIDUE NGU B 13' 
AC2 Software B NGU 14 ? 17 'BINDING SITE FOR RESIDUE NGU B 14' 
1   ?        ? ?   ?  ? ?  ?                                   
# 
loop_
_struct_site_gen.id 
_struct_site_gen.site_id 
_struct_site_gen.pdbx_num_res 
_struct_site_gen.label_comp_id 
_struct_site_gen.label_asym_id 
_struct_site_gen.label_seq_id 
_struct_site_gen.pdbx_auth_ins_code 
_struct_site_gen.auth_comp_id 
_struct_site_gen.auth_asym_id 
_struct_site_gen.auth_seq_id 
_struct_site_gen.label_atom_id 
_struct_site_gen.label_alt_id 
_struct_site_gen.symmetry 
_struct_site_gen.details 
1  AC1 18 AS  A 4 ? AS  A 4  . ? 1_555 ? 
2  AC1 18 5CM A 5 ? 5CM A 5  . ? 1_555 ? 
3  AC1 18 DG  A 6 ? DG  A 6  . ? 1_555 ? 
4  AC1 18 HOH E . ? HOH A 45 . ? 1_445 ? 
5  AC1 18 HOH E . ? HOH A 47 . ? 1_555 ? 
6  AC1 18 HOH E . ? HOH A 70 . ? 1_445 ? 
7  AC1 18 5CM B 1 ? 5CM B 7  . ? 1_555 ? 
8  AC1 18 DG  B 2 ? DG  B 8  . ? 1_555 ? 
9  AC1 18 DT  B 3 ? DT  B 9  . ? 6_555 ? 
10 AC1 18 DT  B 3 ? DT  B 9  . ? 1_555 ? 
11 AC1 18 AS  B 4 ? AS  B 10 . ? 1_555 ? 
12 AC1 18 NGU D . ? NGU B 14 . ? 5_564 ? 
13 AC1 18 HOH F . ? HOH B 25 . ? 1_455 ? 
14 AC1 18 HOH F . ? HOH B 28 . ? 6_555 ? 
15 AC1 18 HOH F . ? HOH B 41 . ? 1_555 ? 
16 AC1 18 HOH F . ? HOH B 60 . ? 1_445 ? 
17 AC1 18 HOH F . ? HOH B 61 . ? 1_555 ? 
18 AC1 18 HOH F . ? HOH B 74 . ? 1_555 ? 
19 AC2 17 5CM A 1 ? 5CM A 1  . ? 1_555 ? 
20 AC2 17 DG  A 2 ? DG  A 2  . ? 1_555 ? 
21 AC2 17 DT  A 3 ? DT  A 3  . ? 1_555 ? 
22 AC2 17 DT  A 3 ? DT  A 3  . ? 5_554 ? 
23 AC2 17 AS  A 4 ? AS  A 4  . ? 1_555 ? 
24 AC2 17 AS  A 4 ? AS  A 4  . ? 5_554 ? 
25 AC2 17 HOH E . ? HOH A 57 . ? 1_545 ? 
26 AC2 17 HOH E . ? HOH A 58 . ? 1_555 ? 
27 AC2 17 DG  B 2 ? DG  B 8  . ? 6_665 ? 
28 AC2 17 AS  B 4 ? AS  B 10 . ? 1_555 ? 
29 AC2 17 5CM B 5 ? 5CM B 11 . ? 1_555 ? 
30 AC2 17 DG  B 6 ? DG  B 12 . ? 1_555 ? 
31 AC2 17 NGU C . ? NGU B 13 . ? 6_655 ? 
32 AC2 17 HOH F . ? HOH B 21 . ? 1_555 ? 
33 AC2 17 HOH F . ? HOH B 41 . ? 6_655 ? 
34 AC2 17 HOH F . ? HOH B 78 . ? 1_545 ? 
35 AC2 17 HOH F . ? HOH B 87 . ? 6_555 ? 
# 
loop_
_pdbx_validate_symm_contact.id 
_pdbx_validate_symm_contact.PDB_model_num 
_pdbx_validate_symm_contact.auth_atom_id_1 
_pdbx_validate_symm_contact.auth_asym_id_1 
_pdbx_validate_symm_contact.auth_comp_id_1 
_pdbx_validate_symm_contact.auth_seq_id_1 
_pdbx_validate_symm_contact.PDB_ins_code_1 
_pdbx_validate_symm_contact.label_alt_id_1 
_pdbx_validate_symm_contact.site_symmetry_1 
_pdbx_validate_symm_contact.auth_atom_id_2 
_pdbx_validate_symm_contact.auth_asym_id_2 
_pdbx_validate_symm_contact.auth_comp_id_2 
_pdbx_validate_symm_contact.auth_seq_id_2 
_pdbx_validate_symm_contact.PDB_ins_code_2 
_pdbx_validate_symm_contact.label_alt_id_2 
_pdbx_validate_symm_contact.site_symmetry_2 
_pdbx_validate_symm_contact.dist 
1 1 C26   B NGU 14 ? ? 1_555 O B HOH 87 ? ? 6_555 1.61 
2 1 N3    A DG  6  ? ? 1_555 O B HOH 62 ? ? 1_455 1.62 
3 1 "C1'" A DG  6  ? ? 1_555 O B HOH 62 ? ? 1_455 1.75 
4 1 C4    A DG  6  ? ? 1_555 O B HOH 62 ? ? 1_455 1.87 
5 1 N2    A DG  6  ? ? 1_555 O B HOH 25 ? ? 1_455 1.89 
6 1 N9    A DG  6  ? ? 1_555 O B HOH 62 ? ? 1_455 1.89 
7 1 O     B HOH 53 ? ? 1_555 O B HOH 67 ? ? 5_554 2.00 
8 1 OP2   B DT  9  ? ? 1_555 O B HOH 53 ? ? 1_455 2.10 
9 1 OP2   B DG  8  ? ? 1_555 O B HOH 81 ? ? 1_445 2.14 
# 
loop_
_pdbx_validate_rmsd_bond.id 
_pdbx_validate_rmsd_bond.PDB_model_num 
_pdbx_validate_rmsd_bond.auth_atom_id_1 
_pdbx_validate_rmsd_bond.auth_asym_id_1 
_pdbx_validate_rmsd_bond.auth_comp_id_1 
_pdbx_validate_rmsd_bond.auth_seq_id_1 
_pdbx_validate_rmsd_bond.PDB_ins_code_1 
_pdbx_validate_rmsd_bond.label_alt_id_1 
_pdbx_validate_rmsd_bond.auth_atom_id_2 
_pdbx_validate_rmsd_bond.auth_asym_id_2 
_pdbx_validate_rmsd_bond.auth_comp_id_2 
_pdbx_validate_rmsd_bond.auth_seq_id_2 
_pdbx_validate_rmsd_bond.PDB_ins_code_2 
_pdbx_validate_rmsd_bond.label_alt_id_2 
_pdbx_validate_rmsd_bond.bond_value 
_pdbx_validate_rmsd_bond.bond_target_value 
_pdbx_validate_rmsd_bond.bond_deviation 
_pdbx_validate_rmsd_bond.bond_standard_deviation 
_pdbx_validate_rmsd_bond.linker_flag 
1  1 "O4'" A DG  2  ? ? "C1'" A DG 2  ? ? 1.499 1.420 0.079  0.011 N 
2  1 P     A DT  3  ? ? OP2   A DT 3  ? ? 1.595 1.485 0.110  0.017 N 
3  1 P     A DT  3  ? ? "O5'" A DT 3  ? ? 1.529 1.593 -0.064 0.010 N 
4  1 "C2'" A DT  3  ? ? "C1'" A DT 3  ? ? 1.454 1.518 -0.064 0.010 N 
5  1 C4    A DT  3  ? ? O4    A DT 3  ? ? 1.304 1.228 0.076  0.009 N 
6  1 "O4'" A DG  6  ? ? "C1'" A DG 6  ? ? 1.486 1.420 0.066  0.011 N 
7  1 "O3'" B 5CM 7  ? ? P     B DG 8  ? ? 1.530 1.607 -0.077 0.012 Y 
8  1 "O4'" B DG  8  ? ? "C1'" B DG 8  ? ? 1.497 1.420 0.077  0.011 N 
9  1 "C2'" B DT  9  ? ? "C1'" B DT 9  ? ? 1.455 1.518 -0.063 0.010 N 
10 1 C4    B DT  9  ? ? O4    B DT 9  ? ? 1.295 1.228 0.067  0.009 N 
11 1 "O4'" B DG  12 ? ? "C1'" B DG 12 ? ? 1.500 1.420 0.080  0.011 N 
# 
loop_
_pdbx_validate_rmsd_angle.id 
_pdbx_validate_rmsd_angle.PDB_model_num 
_pdbx_validate_rmsd_angle.auth_atom_id_1 
_pdbx_validate_rmsd_angle.auth_asym_id_1 
_pdbx_validate_rmsd_angle.auth_comp_id_1 
_pdbx_validate_rmsd_angle.auth_seq_id_1 
_pdbx_validate_rmsd_angle.PDB_ins_code_1 
_pdbx_validate_rmsd_angle.label_alt_id_1 
_pdbx_validate_rmsd_angle.auth_atom_id_2 
_pdbx_validate_rmsd_angle.auth_asym_id_2 
_pdbx_validate_rmsd_angle.auth_comp_id_2 
_pdbx_validate_rmsd_angle.auth_seq_id_2 
_pdbx_validate_rmsd_angle.PDB_ins_code_2 
_pdbx_validate_rmsd_angle.label_alt_id_2 
_pdbx_validate_rmsd_angle.auth_atom_id_3 
_pdbx_validate_rmsd_angle.auth_asym_id_3 
_pdbx_validate_rmsd_angle.auth_comp_id_3 
_pdbx_validate_rmsd_angle.auth_seq_id_3 
_pdbx_validate_rmsd_angle.PDB_ins_code_3 
_pdbx_validate_rmsd_angle.label_alt_id_3 
_pdbx_validate_rmsd_angle.angle_value 
_pdbx_validate_rmsd_angle.angle_target_value 
_pdbx_validate_rmsd_angle.angle_deviation 
_pdbx_validate_rmsd_angle.angle_standard_deviation 
_pdbx_validate_rmsd_angle.linker_flag 
1  1 "O5'" A DG  2  ? ? P     A DG  2  ? ? OP2   A DG  2  ? ? 120.12 110.70 9.42   1.20 N 
2  1 "O5'" A DG  2  ? ? "C5'" A DG  2  ? ? "C4'" A DG  2  ? ? 99.71  109.40 -9.69  0.80 N 
3  1 C6    A DG  2  ? ? N1    A DG  2  ? ? C2    A DG  2  ? ? 120.50 125.10 -4.60  0.60 N 
4  1 C5    A DG  2  ? ? C6    A DG  2  ? ? N1    A DG  2  ? ? 115.78 111.50 4.28   0.50 N 
5  1 "C3'" A DG  2  ? ? "O3'" A DG  2  ? ? P     A DT  3  ? ? 151.01 119.70 31.31  1.20 Y 
6  1 "O3'" A DG  2  ? ? P     A DT  3  ? ? "O5'" A DT  3  ? ? 117.34 104.00 13.34  1.90 Y 
7  1 "O3'" A DG  2  ? ? P     A DT  3  ? ? OP2   A DT  3  ? ? 90.30  105.20 -14.90 2.20 Y 
8  1 OP1   A DT  3  ? ? P     A DT  3  ? ? OP2   A DT  3  ? ? 109.58 119.60 -10.02 1.50 N 
9  1 "O5'" A DT  3  ? ? P     A DT  3  ? ? OP1   A DT  3  ? ? 118.14 110.70 7.44   1.20 N 
10 1 P     A DT  3  ? ? "O5'" A DT  3  ? ? "C5'" A DT  3  ? ? 159.08 120.90 38.18  1.60 N 
11 1 "O4'" A DT  3  ? ? "C4'" A DT  3  ? ? "C3'" A DT  3  ? ? 96.00  104.50 -8.50  0.40 N 
12 1 "C5'" A DT  3  ? ? "C4'" A DT  3  ? ? "O4'" A DT  3  ? ? 119.61 109.80 9.81   1.10 N 
13 1 "C4'" A DT  3  ? ? "C3'" A DT  3  ? ? "C2'" A DT  3  ? ? 98.00  102.20 -4.20  0.70 N 
14 1 N1    A DT  3  ? ? "C1'" A DT  3  ? ? "C2'" A DT  3  ? ? 124.92 114.30 10.62  1.40 N 
15 1 C6    A DT  3  ? ? N1    A DT  3  ? ? C2    A DT  3  ? ? 116.70 121.30 -4.60  0.50 N 
16 1 N1    A DT  3  ? ? C2    A DT  3  ? ? N3    A DT  3  ? ? 119.03 114.60 4.43   0.60 N 
17 1 N1    A DT  3  ? ? C2    A DT  3  ? ? O2    A DT  3  ? ? 116.50 123.10 -6.60  0.80 N 
18 1 "C3'" A DT  3  ? ? "O3'" A DT  3  ? ? P     A AS  4  ? ? 136.09 119.70 16.39  1.20 Y 
19 1 "C3'" A AS  4  ? ? "O3'" A AS  4  ? ? P     A 5CM 5  ? ? 140.34 119.70 20.64  1.20 Y 
20 1 "O3'" A 5CM 5  ? ? P     A DG  6  ? ? "O5'" A DG  6  ? ? 89.75  104.00 -14.25 1.90 Y 
21 1 "O5'" A DG  6  ? ? P     A DG  6  ? ? OP2   A DG  6  ? ? 124.19 110.70 13.49  1.20 N 
22 1 "O5'" A DG  6  ? ? "C5'" A DG  6  ? ? "C4'" A DG  6  ? ? 103.47 109.40 -5.93  0.80 N 
23 1 C6    A DG  6  ? ? N1    A DG  6  ? ? C2    A DG  6  ? ? 120.78 125.10 -4.32  0.60 N 
24 1 N1    A DG  6  ? ? C2    A DG  6  ? ? N3    A DG  6  ? ? 127.71 123.90 3.81   0.60 N 
25 1 C5    A DG  6  ? ? C6    A DG  6  ? ? N1    A DG  6  ? ? 114.81 111.50 3.31   0.50 N 
26 1 "C3'" B 5CM 7  ? ? "O3'" B 5CM 7  ? ? P     B DG  8  ? ? 131.74 119.70 12.04  1.20 Y 
27 1 OP1   B DG  8  ? ? P     B DG  8  ? ? OP2   B DG  8  ? ? 110.15 119.60 -9.45  1.50 N 
28 1 "O5'" B DG  8  ? ? "C5'" B DG  8  ? ? "C4'" B DG  8  ? ? 104.50 109.40 -4.90  0.80 N 
29 1 P     B DG  8  ? ? "O5'" B DG  8  ? ? "C5'" B DG  8  ? ? 107.94 120.90 -12.96 1.60 N 
30 1 "O4'" B DG  8  ? ? "C1'" B DG  8  ? ? "C2'" B DG  8  ? ? 98.50  105.90 -7.40  0.80 N 
31 1 "C3'" B DG  8  ? ? "O3'" B DG  8  ? ? P     B DT  9  ? ? 133.34 119.70 13.64  1.20 Y 
32 1 "O5'" B DT  9  ? ? P     B DT  9  ? ? OP2   B DT  9  ? ? 122.32 110.70 11.62  1.20 N 
33 1 "O4'" B DT  9  ? ? "C4'" B DT  9  ? ? "C3'" B DT  9  ? ? 99.35  104.50 -5.15  0.40 N 
34 1 "C1'" B DT  9  ? ? "O4'" B DT  9  ? ? "C4'" B DT  9  ? ? 104.09 110.10 -6.01  1.00 N 
35 1 C2    B DT  9  ? ? N3    B DT  9  ? ? C4    B DT  9  ? ? 122.45 127.20 -4.75  0.60 N 
36 1 N3    B DT  9  ? ? C4    B DT  9  ? ? C5    B DT  9  ? ? 120.68 115.20 5.48   0.60 N 
37 1 "C3'" B DT  9  ? ? "O3'" B DT  9  ? ? P     B AS  10 ? ? 134.02 119.70 14.32  1.20 Y 
38 1 "C3'" B AS  10 ? ? "O3'" B AS  10 ? ? P     B 5CM 11 ? ? 130.10 119.70 10.40  1.20 Y 
39 1 "C3'" B 5CM 11 ? ? "O3'" B 5CM 11 ? ? P     B DG  12 ? ? 138.21 119.70 18.51  1.20 Y 
40 1 "O5'" B DG  12 ? ? P     B DG  12 ? ? OP1   B DG  12 ? ? 121.43 110.70 10.73  1.20 N 
41 1 "O5'" B DG  12 ? ? P     B DG  12 ? ? OP2   B DG  12 ? ? 121.96 110.70 11.26  1.20 N 
42 1 C4    B DG  12 ? ? C5    B DG  12 ? ? N7    B DG  12 ? ? 108.24 110.80 -2.56  0.40 N 
43 1 N9    B DG  12 ? ? C4    B DG  12 ? ? C5    B DG  12 ? ? 108.17 105.40 2.77   0.40 N 
44 1 N1    B DG  12 ? ? C6    B DG  12 ? ? O6    B DG  12 ? ? 114.05 119.90 -5.85  0.60 N 
# 
loop_
_pdbx_struct_mod_residue.id 
_pdbx_struct_mod_residue.label_asym_id 
_pdbx_struct_mod_residue.label_comp_id 
_pdbx_struct_mod_residue.label_seq_id 
_pdbx_struct_mod_residue.auth_asym_id 
_pdbx_struct_mod_residue.auth_comp_id 
_pdbx_struct_mod_residue.auth_seq_id 
_pdbx_struct_mod_residue.PDB_ins_code 
_pdbx_struct_mod_residue.parent_comp_id 
_pdbx_struct_mod_residue.details 
1 A 5CM 1 A 5CM 1  ? DC ? 
2 A AS  4 A AS  4  ? DA ? 
3 A 5CM 5 A 5CM 5  ? DC ? 
4 B 5CM 1 B 5CM 7  ? DC ? 
5 B AS  4 B AS  10 ? DA ? 
6 B 5CM 5 B 5CM 11 ? DC ? 
# 
_struct_site_keywords.site_id   1 
_struct_site_keywords.text      INTERCALATION 
# 
loop_
_refine_B_iso.class 
_refine_B_iso.details 
_refine_B_iso.treatment 
_refine_B_iso.pdbx_refine_id 
'ALL ATOMS'  TR isotropic 'X-RAY DIFFRACTION' 
'ALL DRUGS'  TR isotropic 'X-RAY DIFFRACTION' 
'ALL WATERS' TR isotropic 'X-RAY DIFFRACTION' 
# 
loop_
_refine_occupancy.class 
_refine_occupancy.treatment 
_refine_occupancy.pdbx_refine_id 
'ALL ATOMS'  fix 'X-RAY DIFFRACTION' 
'ALL DRUGS'  fix 'X-RAY DIFFRACTION' 
'ALL WATERS' fix 'X-RAY DIFFRACTION' 
# 
loop_
_chem_comp_atom.comp_id 
_chem_comp_atom.atom_id 
_chem_comp_atom.type_symbol 
_chem_comp_atom.pdbx_aromatic_flag 
_chem_comp_atom.pdbx_stereo_config 
_chem_comp_atom.pdbx_ordinal 
5CM N1     N N N 1   
5CM C2     C N N 2   
5CM N3     N N N 3   
5CM C4     C N N 4   
5CM C5     C N N 5   
5CM C5A    C N N 6   
5CM C6     C N N 7   
5CM O2     O N N 8   
5CM N4     N N N 9   
5CM "C1'"  C N R 10  
5CM "C2'"  C N N 11  
5CM "C3'"  C N S 12  
5CM "C4'"  C N R 13  
5CM "O4'"  O N N 14  
5CM "O3'"  O N N 15  
5CM "C5'"  C N N 16  
5CM "O5'"  O N N 17  
5CM P      P N N 18  
5CM OP1    O N N 19  
5CM OP2    O N N 20  
5CM OP3    O N N 21  
5CM H5A1   H N N 22  
5CM H5A2   H N N 23  
5CM H5A3   H N N 24  
5CM H6     H N N 25  
5CM HN41   H N N 26  
5CM HN42   H N N 27  
5CM "H1'"  H N N 28  
5CM "H2'"  H N N 29  
5CM "H2''" H N N 30  
5CM "H3'"  H N N 31  
5CM "H4'"  H N N 32  
5CM "HO3'" H N N 33  
5CM "H5'"  H N N 34  
5CM "H5''" H N N 35  
5CM HOP2   H N N 36  
5CM HOP3   H N N 37  
AS  P      P N N 38  
AS  OP1    O N N 39  
AS  S2P    S N N 40  
AS  OP3    O N N 41  
AS  "O5'"  O N N 42  
AS  "C5'"  C N N 43  
AS  "C4'"  C N R 44  
AS  "O4'"  O N N 45  
AS  "C3'"  C N S 46  
AS  "O3'"  O N N 47  
AS  "C2'"  C N N 48  
AS  "C1'"  C N R 49  
AS  N9     N Y N 50  
AS  C8     C Y N 51  
AS  N7     N Y N 52  
AS  C5     C Y N 53  
AS  C6     C Y N 54  
AS  N6     N N N 55  
AS  N1     N Y N 56  
AS  C2     C Y N 57  
AS  N3     N Y N 58  
AS  C4     C Y N 59  
AS  HOP1   H N N 60  
AS  HOP3   H N N 61  
AS  "H5'"  H N N 62  
AS  "H5''" H N N 63  
AS  "H4'"  H N N 64  
AS  "H3'"  H N N 65  
AS  "HO3'" H N N 66  
AS  "H2'"  H N N 67  
AS  "H2''" H N N 68  
AS  "H1'"  H N N 69  
AS  H8     H N N 70  
AS  HN61   H N N 71  
AS  HN62   H N N 72  
AS  H2     H N N 73  
DG  OP3    O N N 74  
DG  P      P N N 75  
DG  OP1    O N N 76  
DG  OP2    O N N 77  
DG  "O5'"  O N N 78  
DG  "C5'"  C N N 79  
DG  "C4'"  C N R 80  
DG  "O4'"  O N N 81  
DG  "C3'"  C N S 82  
DG  "O3'"  O N N 83  
DG  "C2'"  C N N 84  
DG  "C1'"  C N R 85  
DG  N9     N Y N 86  
DG  C8     C Y N 87  
DG  N7     N Y N 88  
DG  C5     C Y N 89  
DG  C6     C N N 90  
DG  O6     O N N 91  
DG  N1     N N N 92  
DG  C2     C N N 93  
DG  N2     N N N 94  
DG  N3     N N N 95  
DG  C4     C Y N 96  
DG  HOP3   H N N 97  
DG  HOP2   H N N 98  
DG  "H5'"  H N N 99  
DG  "H5''" H N N 100 
DG  "H4'"  H N N 101 
DG  "H3'"  H N N 102 
DG  "HO3'" H N N 103 
DG  "H2'"  H N N 104 
DG  "H2''" H N N 105 
DG  "H1'"  H N N 106 
DG  H8     H N N 107 
DG  H1     H N N 108 
DG  H21    H N N 109 
DG  H22    H N N 110 
DT  OP3    O N N 111 
DT  P      P N N 112 
DT  OP1    O N N 113 
DT  OP2    O N N 114 
DT  "O5'"  O N N 115 
DT  "C5'"  C N N 116 
DT  "C4'"  C N R 117 
DT  "O4'"  O N N 118 
DT  "C3'"  C N S 119 
DT  "O3'"  O N N 120 
DT  "C2'"  C N N 121 
DT  "C1'"  C N R 122 
DT  N1     N N N 123 
DT  C2     C N N 124 
DT  O2     O N N 125 
DT  N3     N N N 126 
DT  C4     C N N 127 
DT  O4     O N N 128 
DT  C5     C N N 129 
DT  C7     C N N 130 
DT  C6     C N N 131 
DT  HOP3   H N N 132 
DT  HOP2   H N N 133 
DT  "H5'"  H N N 134 
DT  "H5''" H N N 135 
DT  "H4'"  H N N 136 
DT  "H3'"  H N N 137 
DT  "HO3'" H N N 138 
DT  "H2'"  H N N 139 
DT  "H2''" H N N 140 
DT  "H1'"  H N N 141 
DT  H3     H N N 142 
DT  H71    H N N 143 
DT  H72    H N N 144 
DT  H73    H N N 145 
DT  H6     H N N 146 
HOH O      O N N 147 
HOH H1     H N N 148 
HOH H2     H N N 149 
NGU C1     C Y N 150 
NGU C2     C Y N 151 
NGU C3     C Y N 152 
NGU C4     C Y N 153 
NGU C5     C N N 154 
NGU C6     C Y N 155 
NGU C7     C N S 156 
NGU C8     C N N 157 
NGU C9     C N S 158 
NGU C10    C N R 159 
NGU C11    C Y N 160 
NGU C12    C N N 161 
NGU C13    C N N 162 
NGU C14    C N N 163 
NGU C15    C N N 164 
NGU C16    C Y N 165 
NGU C17    C Y N 166 
NGU C18    C Y N 167 
NGU C19    C Y N 168 
NGU C20    C Y N 169 
NGU C21    C Y N 170 
NGU O1     O N N 171 
NGU O4     O N N 172 
NGU O5     O N N 173 
NGU O6     O N N 174 
NGU O7     O N N 175 
NGU O9     O N N 176 
NGU O10    O N N 177 
NGU O14    O N N 178 
NGU O12    O N N 179 
NGU "C1'"  C N R 180 
NGU "C2'"  C N R 181 
NGU "C3'"  C N R 182 
NGU "C4'"  C N S 183 
NGU "C5'"  C N S 184 
NGU C25    C N N 185 
NGU C26    C N N 186 
NGU C27    C N N 187 
NGU C28    C N N 188 
NGU C29    C N N 189 
NGU "O1'"  O N N 190 
NGU "O2'"  O N N 191 
NGU "O3'"  O N N 192 
NGU "O4'"  O N N 193 
NGU C30    C N S 194 
NGU C31    C N S 195 
NGU C32    C N R 196 
NGU C33    C N R 197 
NGU C34    C N R 198 
NGU C22    C N N 199 
NGU C23    C N N 200 
NGU C24    C N N 201 
NGU N1     N N N 202 
NGU O2     O N N 203 
NGU O15    O N N 204 
NGU O16    O N N 205 
NGU O23    O N N 206 
NGU H3     H N N 207 
NGU H7     H N N 208 
NGU H81    H N N 209 
NGU H82    H N N 210 
NGU H10    H N N 211 
NGU H11    H N N 212 
NGU H131   H N N 213 
NGU H132   H N N 214 
NGU H133   H N N 215 
NGU H151   H N N 216 
NGU H152   H N N 217 
NGU H153   H N N 218 
NGU HO4    H N N 219 
NGU HO6    H N N 220 
NGU HO9    H N N 221 
NGU "H1'"  H N N 222 
NGU "H2'"  H N N 223 
NGU "H4'"  H N N 224 
NGU "H5'"  H N N 225 
NGU H251   H N N 226 
NGU H252   H N N 227 
NGU H253   H N N 228 
NGU H261   H N N 229 
NGU H262   H N N 230 
NGU H263   H N N 231 
NGU H271   H N N 232 
NGU H272   H N N 233 
NGU H273   H N N 234 
NGU H281   H N N 235 
NGU H282   H N N 236 
NGU H283   H N N 237 
NGU H291   H N N 238 
NGU H292   H N N 239 
NGU H293   H N N 240 
NGU H30    H N N 241 
NGU H31    H N N 242 
NGU H32    H N N 243 
NGU H33    H N N 244 
NGU H221   H N N 245 
NGU H222   H N N 246 
NGU H223   H N N 247 
NGU H231   H N N 248 
NGU H232   H N N 249 
NGU H241   H N N 250 
NGU H242   H N N 251 
NGU H243   H N N 252 
NGU H15    H N N 253 
NGU H16    H N N 254 
NGU H23    H N N 255 
# 
loop_
_chem_comp_bond.comp_id 
_chem_comp_bond.atom_id_1 
_chem_comp_bond.atom_id_2 
_chem_comp_bond.value_order 
_chem_comp_bond.pdbx_aromatic_flag 
_chem_comp_bond.pdbx_stereo_config 
_chem_comp_bond.pdbx_ordinal 
5CM N1    C2     sing N N 1   
5CM N1    C6     sing N N 2   
5CM N1    "C1'"  sing N N 3   
5CM C2    N3     sing N N 4   
5CM C2    O2     doub N N 5   
5CM N3    C4     doub N N 6   
5CM C4    C5     sing N N 7   
5CM C4    N4     sing N N 8   
5CM C5    C5A    sing N N 9   
5CM C5    C6     doub N N 10  
5CM C5A   H5A1   sing N N 11  
5CM C5A   H5A2   sing N N 12  
5CM C5A   H5A3   sing N N 13  
5CM C6    H6     sing N N 14  
5CM N4    HN41   sing N N 15  
5CM N4    HN42   sing N N 16  
5CM "C1'" "C2'"  sing N N 17  
5CM "C1'" "O4'"  sing N N 18  
5CM "C1'" "H1'"  sing N N 19  
5CM "C2'" "C3'"  sing N N 20  
5CM "C2'" "H2'"  sing N N 21  
5CM "C2'" "H2''" sing N N 22  
5CM "C3'" "C4'"  sing N N 23  
5CM "C3'" "O3'"  sing N N 24  
5CM "C3'" "H3'"  sing N N 25  
5CM "C4'" "O4'"  sing N N 26  
5CM "C4'" "C5'"  sing N N 27  
5CM "C4'" "H4'"  sing N N 28  
5CM "O3'" "HO3'" sing N N 29  
5CM "C5'" "O5'"  sing N N 30  
5CM "C5'" "H5'"  sing N N 31  
5CM "C5'" "H5''" sing N N 32  
5CM "O5'" P      sing N N 33  
5CM P     OP1    doub N N 34  
5CM P     OP2    sing N N 35  
5CM P     OP3    sing N N 36  
5CM OP2   HOP2   sing N N 37  
5CM OP3   HOP3   sing N N 38  
AS  P     OP1    sing N N 39  
AS  P     S2P    doub N N 40  
AS  P     OP3    sing N N 41  
AS  P     "O5'"  sing N N 42  
AS  OP1   HOP1   sing N N 43  
AS  OP3   HOP3   sing N N 44  
AS  "O5'" "C5'"  sing N N 45  
AS  "C5'" "C4'"  sing N N 46  
AS  "C5'" "H5'"  sing N N 47  
AS  "C5'" "H5''" sing N N 48  
AS  "C4'" "O4'"  sing N N 49  
AS  "C4'" "C3'"  sing N N 50  
AS  "C4'" "H4'"  sing N N 51  
AS  "O4'" "C1'"  sing N N 52  
AS  "C3'" "O3'"  sing N N 53  
AS  "C3'" "C2'"  sing N N 54  
AS  "C3'" "H3'"  sing N N 55  
AS  "O3'" "HO3'" sing N N 56  
AS  "C2'" "C1'"  sing N N 57  
AS  "C2'" "H2'"  sing N N 58  
AS  "C2'" "H2''" sing N N 59  
AS  "C1'" N9     sing N N 60  
AS  "C1'" "H1'"  sing N N 61  
AS  N9    C8     sing Y N 62  
AS  N9    C4     sing Y N 63  
AS  C8    N7     doub Y N 64  
AS  C8    H8     sing N N 65  
AS  N7    C5     sing Y N 66  
AS  C5    C6     sing Y N 67  
AS  C5    C4     doub Y N 68  
AS  C6    N6     sing N N 69  
AS  C6    N1     doub Y N 70  
AS  N6    HN61   sing N N 71  
AS  N6    HN62   sing N N 72  
AS  N1    C2     sing Y N 73  
AS  C2    N3     doub Y N 74  
AS  C2    H2     sing N N 75  
AS  N3    C4     sing Y N 76  
DG  OP3   P      sing N N 77  
DG  OP3   HOP3   sing N N 78  
DG  P     OP1    doub N N 79  
DG  P     OP2    sing N N 80  
DG  P     "O5'"  sing N N 81  
DG  OP2   HOP2   sing N N 82  
DG  "O5'" "C5'"  sing N N 83  
DG  "C5'" "C4'"  sing N N 84  
DG  "C5'" "H5'"  sing N N 85  
DG  "C5'" "H5''" sing N N 86  
DG  "C4'" "O4'"  sing N N 87  
DG  "C4'" "C3'"  sing N N 88  
DG  "C4'" "H4'"  sing N N 89  
DG  "O4'" "C1'"  sing N N 90  
DG  "C3'" "O3'"  sing N N 91  
DG  "C3'" "C2'"  sing N N 92  
DG  "C3'" "H3'"  sing N N 93  
DG  "O3'" "HO3'" sing N N 94  
DG  "C2'" "C1'"  sing N N 95  
DG  "C2'" "H2'"  sing N N 96  
DG  "C2'" "H2''" sing N N 97  
DG  "C1'" N9     sing N N 98  
DG  "C1'" "H1'"  sing N N 99  
DG  N9    C8     sing Y N 100 
DG  N9    C4     sing Y N 101 
DG  C8    N7     doub Y N 102 
DG  C8    H8     sing N N 103 
DG  N7    C5     sing Y N 104 
DG  C5    C6     sing N N 105 
DG  C5    C4     doub Y N 106 
DG  C6    O6     doub N N 107 
DG  C6    N1     sing N N 108 
DG  N1    C2     sing N N 109 
DG  N1    H1     sing N N 110 
DG  C2    N2     sing N N 111 
DG  C2    N3     doub N N 112 
DG  N2    H21    sing N N 113 
DG  N2    H22    sing N N 114 
DG  N3    C4     sing N N 115 
DT  OP3   P      sing N N 116 
DT  OP3   HOP3   sing N N 117 
DT  P     OP1    doub N N 118 
DT  P     OP2    sing N N 119 
DT  P     "O5'"  sing N N 120 
DT  OP2   HOP2   sing N N 121 
DT  "O5'" "C5'"  sing N N 122 
DT  "C5'" "C4'"  sing N N 123 
DT  "C5'" "H5'"  sing N N 124 
DT  "C5'" "H5''" sing N N 125 
DT  "C4'" "O4'"  sing N N 126 
DT  "C4'" "C3'"  sing N N 127 
DT  "C4'" "H4'"  sing N N 128 
DT  "O4'" "C1'"  sing N N 129 
DT  "C3'" "O3'"  sing N N 130 
DT  "C3'" "C2'"  sing N N 131 
DT  "C3'" "H3'"  sing N N 132 
DT  "O3'" "HO3'" sing N N 133 
DT  "C2'" "C1'"  sing N N 134 
DT  "C2'" "H2'"  sing N N 135 
DT  "C2'" "H2''" sing N N 136 
DT  "C1'" N1     sing N N 137 
DT  "C1'" "H1'"  sing N N 138 
DT  N1    C2     sing N N 139 
DT  N1    C6     sing N N 140 
DT  C2    O2     doub N N 141 
DT  C2    N3     sing N N 142 
DT  N3    C4     sing N N 143 
DT  N3    H3     sing N N 144 
DT  C4    O4     doub N N 145 
DT  C4    C5     sing N N 146 
DT  C5    C7     sing N N 147 
DT  C5    C6     doub N N 148 
DT  C7    H71    sing N N 149 
DT  C7    H72    sing N N 150 
DT  C7    H73    sing N N 151 
DT  C6    H6     sing N N 152 
HOH O     H1     sing N N 153 
HOH O     H2     sing N N 154 
NGU C1    C2     doub Y N 155 
NGU C1    C21    sing Y N 156 
NGU C1    O1     sing N N 157 
NGU C2    C3     sing Y N 158 
NGU C2    C34    sing N N 159 
NGU C3    C4     doub Y N 160 
NGU C3    H3     sing N N 161 
NGU C4    C16    sing Y N 162 
NGU C4    O4     sing N N 163 
NGU C5    C16    sing N N 164 
NGU C5    C17    sing N N 165 
NGU C5    O5     doub N N 166 
NGU C6    C17    sing Y N 167 
NGU C6    C18    doub Y N 168 
NGU C6    O6     sing N N 169 
NGU C7    C8     sing N N 170 
NGU C7    C18    sing N N 171 
NGU C7    O7     sing N N 172 
NGU C7    H7     sing N N 173 
NGU C8    C9     sing N N 174 
NGU C8    H81    sing N N 175 
NGU C8    H82    sing N N 176 
NGU C9    C10    sing N N 177 
NGU C9    C13    sing N N 178 
NGU C9    O9     sing N N 179 
NGU C10   C14    sing N N 180 
NGU C10   C19    sing N N 181 
NGU C10   H10    sing N N 182 
NGU C11   C19    doub Y N 183 
NGU C11   C20    sing Y N 184 
NGU C11   H11    sing N N 185 
NGU C12   C20    sing N N 186 
NGU C12   C21    sing N N 187 
NGU C12   O12    doub N N 188 
NGU C13   H131   sing N N 189 
NGU C13   H132   sing N N 190 
NGU C13   H133   sing N N 191 
NGU C14   O10    sing N N 192 
NGU C14   O14    doub N N 193 
NGU C15   O10    sing N N 194 
NGU C15   H151   sing N N 195 
NGU C15   H152   sing N N 196 
NGU C15   H153   sing N N 197 
NGU C16   C21    doub Y N 198 
NGU C17   C20    doub Y N 199 
NGU C18   C19    sing Y N 200 
NGU O1    C30    sing N N 201 
NGU O4    HO4    sing N N 202 
NGU O6    HO6    sing N N 203 
NGU O7    "C1'"  sing N N 204 
NGU O9    HO9    sing N N 205 
NGU "C1'" "C2'"  sing N N 206 
NGU "C1'" "O1'"  sing N N 207 
NGU "C1'" "H1'"  sing N N 208 
NGU "C2'" "C3'"  sing N N 209 
NGU "C2'" "O2'"  sing N N 210 
NGU "C2'" "H2'"  sing N N 211 
NGU "C3'" "C4'"  sing N N 212 
NGU "C3'" C28    sing N N 213 
NGU "C3'" "O3'"  sing N N 214 
NGU "C4'" "C5'"  sing N N 215 
NGU "C4'" "O4'"  sing N N 216 
NGU "C4'" "H4'"  sing N N 217 
NGU "C5'" C25    sing N N 218 
NGU "C5'" "O1'"  sing N N 219 
NGU "C5'" "H5'"  sing N N 220 
NGU C25   H251   sing N N 221 
NGU C25   H252   sing N N 222 
NGU C25   H253   sing N N 223 
NGU C26   "O4'"  sing N N 224 
NGU C26   H261   sing N N 225 
NGU C26   H262   sing N N 226 
NGU C26   H263   sing N N 227 
NGU C27   "O3'"  sing N N 228 
NGU C27   H271   sing N N 229 
NGU C27   H272   sing N N 230 
NGU C27   H273   sing N N 231 
NGU C28   H281   sing N N 232 
NGU C28   H282   sing N N 233 
NGU C28   H283   sing N N 234 
NGU C29   "O2'"  sing N N 235 
NGU C29   H291   sing N N 236 
NGU C29   H292   sing N N 237 
NGU C29   H293   sing N N 238 
NGU C30   C31    sing N N 239 
NGU C30   O2     sing N N 240 
NGU C30   H30    sing N N 241 
NGU C31   C32    sing N N 242 
NGU C31   O15    sing N N 243 
NGU C31   H31    sing N N 244 
NGU C32   C33    sing N N 245 
NGU C32   N1     sing N N 246 
NGU C32   H32    sing N N 247 
NGU C33   C34    sing N N 248 
NGU C33   O16    sing N N 249 
NGU C33   H33    sing N N 250 
NGU C34   C22    sing N N 251 
NGU C34   O2     sing N N 252 
NGU C22   H221   sing N N 253 
NGU C22   H222   sing N N 254 
NGU C22   H223   sing N N 255 
NGU C23   N1     sing N N 256 
NGU C23   O23    sing N N 257 
NGU C23   H231   sing N N 258 
NGU C23   H232   sing N N 259 
NGU C24   N1     sing N N 260 
NGU C24   H241   sing N N 261 
NGU C24   H242   sing N N 262 
NGU C24   H243   sing N N 263 
NGU O15   H15    sing N N 264 
NGU O16   H16    sing N N 265 
NGU O23   H23    sing N N 266 
# 
_ndb_struct_conf_na.entry_id   1D22 
_ndb_struct_conf_na.feature    'b-form double helix' 
# 
loop_
_ndb_struct_na_base_pair.model_number 
_ndb_struct_na_base_pair.i_label_asym_id 
_ndb_struct_na_base_pair.i_label_comp_id 
_ndb_struct_na_base_pair.i_label_seq_id 
_ndb_struct_na_base_pair.i_symmetry 
_ndb_struct_na_base_pair.j_label_asym_id 
_ndb_struct_na_base_pair.j_label_comp_id 
_ndb_struct_na_base_pair.j_label_seq_id 
_ndb_struct_na_base_pair.j_symmetry 
_ndb_struct_na_base_pair.shear 
_ndb_struct_na_base_pair.stretch 
_ndb_struct_na_base_pair.stagger 
_ndb_struct_na_base_pair.buckle 
_ndb_struct_na_base_pair.propeller 
_ndb_struct_na_base_pair.opening 
_ndb_struct_na_base_pair.pair_number 
_ndb_struct_na_base_pair.pair_name 
_ndb_struct_na_base_pair.i_auth_asym_id 
_ndb_struct_na_base_pair.i_auth_seq_id 
_ndb_struct_na_base_pair.i_PDB_ins_code 
_ndb_struct_na_base_pair.j_auth_asym_id 
_ndb_struct_na_base_pair.j_auth_seq_id 
_ndb_struct_na_base_pair.j_PDB_ins_code 
_ndb_struct_na_base_pair.hbond_type_28 
_ndb_struct_na_base_pair.hbond_type_12 
1 A 5CM 1 1_555 B DG  6 1_555 0.188  -0.355 -0.080 6.051   -0.080 2.716  1 A_5CM1:DG12_B A 1 ? B 12 ? 19 1 
1 A DG  2 1_555 B 5CM 5 1_555 -0.101 -0.274 -0.352 -14.288 2.089  -0.307 2 A_DG2:5CM11_B A 2 ? B 11 ? 19 1 
1 A DT  3 1_555 B AS  4 1_555 0.980  -0.586 0.131  -0.124  -3.932 0.416  3 A_DT3:AS10_B  A 3 ? B 10 ? 20 1 
1 A AS  4 1_555 B DT  3 1_555 0.646  -0.486 0.266  2.012   -7.676 0.986  4 A_AS4:DT9_B   A 4 ? B 9  ? 20 1 
1 A 5CM 5 1_555 B DG  2 1_555 0.151  -0.352 0.028  8.531   4.627  -3.693 5 A_5CM5:DG8_B  A 5 ? B 8  ? 19 1 
1 A DG  6 1_555 B 5CM 1 1_555 -0.066 -0.193 0.045  -9.871  4.606  -1.154 6 A_DG6:5CM7_B  A 6 ? B 7  ? 19 1 
# 
loop_
_ndb_struct_na_base_pair_step.model_number 
_ndb_struct_na_base_pair_step.i_label_asym_id_1 
_ndb_struct_na_base_pair_step.i_label_comp_id_1 
_ndb_struct_na_base_pair_step.i_label_seq_id_1 
_ndb_struct_na_base_pair_step.i_symmetry_1 
_ndb_struct_na_base_pair_step.j_label_asym_id_1 
_ndb_struct_na_base_pair_step.j_label_comp_id_1 
_ndb_struct_na_base_pair_step.j_label_seq_id_1 
_ndb_struct_na_base_pair_step.j_symmetry_1 
_ndb_struct_na_base_pair_step.i_label_asym_id_2 
_ndb_struct_na_base_pair_step.i_label_comp_id_2 
_ndb_struct_na_base_pair_step.i_label_seq_id_2 
_ndb_struct_na_base_pair_step.i_symmetry_2 
_ndb_struct_na_base_pair_step.j_label_asym_id_2 
_ndb_struct_na_base_pair_step.j_label_comp_id_2 
_ndb_struct_na_base_pair_step.j_label_seq_id_2 
_ndb_struct_na_base_pair_step.j_symmetry_2 
_ndb_struct_na_base_pair_step.shift 
_ndb_struct_na_base_pair_step.slide 
_ndb_struct_na_base_pair_step.rise 
_ndb_struct_na_base_pair_step.tilt 
_ndb_struct_na_base_pair_step.roll 
_ndb_struct_na_base_pair_step.twist 
_ndb_struct_na_base_pair_step.x_displacement 
_ndb_struct_na_base_pair_step.y_displacement 
_ndb_struct_na_base_pair_step.helical_rise 
_ndb_struct_na_base_pair_step.inclination 
_ndb_struct_na_base_pair_step.tip 
_ndb_struct_na_base_pair_step.helical_twist 
_ndb_struct_na_base_pair_step.step_number 
_ndb_struct_na_base_pair_step.step_name 
_ndb_struct_na_base_pair_step.i_auth_asym_id_1 
_ndb_struct_na_base_pair_step.i_auth_seq_id_1 
_ndb_struct_na_base_pair_step.i_PDB_ins_code_1 
_ndb_struct_na_base_pair_step.j_auth_asym_id_1 
_ndb_struct_na_base_pair_step.j_auth_seq_id_1 
_ndb_struct_na_base_pair_step.j_PDB_ins_code_1 
_ndb_struct_na_base_pair_step.i_auth_asym_id_2 
_ndb_struct_na_base_pair_step.i_auth_seq_id_2 
_ndb_struct_na_base_pair_step.i_PDB_ins_code_2 
_ndb_struct_na_base_pair_step.j_auth_asym_id_2 
_ndb_struct_na_base_pair_step.j_auth_seq_id_2 
_ndb_struct_na_base_pair_step.j_PDB_ins_code_2 
1 A 5CM 1 1_555 B DG  6 1_555 A DG  2 1_555 B 5CM 5 1_555 0.252  0.466  6.916 2.768  -1.025 36.220 1.049  0.412  6.900 -1.645 
-4.444 36.336 1 AA_5CM1DG2:5CM11DG12_BB A 1 ? B 12 ? A 2 ? B 11 ? 
1 A DG  2 1_555 B 5CM 5 1_555 A DT  3 1_555 B AS  4 1_555 -0.378 -0.303 3.004 -3.757 0.651  29.339 -0.720 0.005  3.020 1.279  
7.378  29.580 2 AA_DG2DT3:AS105CM11_BB  A 2 ? B 11 ? A 3 ? B 10 ? 
1 A DT  3 1_555 B AS  4 1_555 A AS  4 1_555 B DT  3 1_555 -0.210 -0.760 3.187 0.247  1.859  33.522 -1.610 0.403  3.140 3.220  
-0.428 33.573 3 AA_DT3AS4:DT9AS10_BB    A 3 ? B 10 ? A 4 ? B 9  ? 
1 A AS  4 1_555 B DT  3 1_555 A 5CM 5 1_555 B DG  2 1_555 0.503  -0.399 3.227 2.356  0.611  25.358 -1.078 -0.470 3.249 1.387  
-5.350 25.473 4 AA_AS45CM5:DG8DT9_BB    A 4 ? B 9  ? A 5 ? B 8  ? 
1 A 5CM 5 1_555 B DG  2 1_555 A DG  6 1_555 B 5CM 1 1_555 -0.693 0.791  6.818 -4.725 -2.733 34.784 2.159  -0.323 6.772 -4.537 
7.844  35.197 5 AA_5CM5DG6:5CM7DG8_BB   A 5 ? B 8  ? A 6 ? B 7  ? 
# 
_atom_sites.entry_id                    1D22 
_atom_sites.fract_transf_matrix[1][1]   0.02874739 
_atom_sites.fract_transf_matrix[1][2]   -0.00974774 
_atom_sites.fract_transf_matrix[1][3]   -0.03179028 
_atom_sites.fract_transf_matrix[2][1]   0.00428112 
_atom_sites.fract_transf_matrix[2][2]   0.02665291 
_atom_sites.fract_transf_matrix[2][3]   -0.03468914 
_atom_sites.fract_transf_matrix[3][1]   0.00706863 
_atom_sites.fract_transf_matrix[3][2]   0.00513476 
_atom_sites.fract_transf_matrix[3][3]   0.00481759 
_atom_sites.fract_transf_vector[1]      0.224383 
_atom_sites.fract_transf_vector[2]      0.374448 
_atom_sites.fract_transf_vector[3]      0.246466 
# 
loop_
_atom_type.symbol 
C 
N 
O 
P 
S 
# 
loop_
_atom_site.group_PDB 
_atom_site.id 
_atom_site.type_symbol 
_atom_site.label_atom_id 
_atom_site.label_alt_id 
_atom_site.label_comp_id 
_atom_site.label_asym_id 
_atom_site.label_entity_id 
_atom_site.label_seq_id 
_atom_site.pdbx_PDB_ins_code 
_atom_site.Cartn_x 
_atom_site.Cartn_y 
_atom_site.Cartn_z 
_atom_site.occupancy 
_atom_site.B_iso_or_equiv 
_atom_site.pdbx_formal_charge 
_atom_site.auth_seq_id 
_atom_site.auth_comp_id 
_atom_site.auth_asym_id 
_atom_site.auth_atom_id 
_atom_site.pdbx_PDB_model_num 
HETATM 1   N N1    . 5CM A 1 1 ? 8.248   -9.049  2.344   1.00 15.61 ? 1  5CM A N1    1 
HETATM 2   C C2    . 5CM A 1 1 ? 8.412   -8.303  1.143   1.00 15.33 ? 1  5CM A C2    1 
HETATM 3   N N3    . 5CM A 1 1 ? 7.605   -8.614  0.125   1.00 14.58 ? 1  5CM A N3    1 
HETATM 4   C C4    . 5CM A 1 1 ? 6.672   -9.571  0.188   1.00 14.61 ? 1  5CM A C4    1 
HETATM 5   C C5    . 5CM A 1 1 ? 6.541   -10.332 1.360   1.00 14.78 ? 1  5CM A C5    1 
HETATM 6   C C5A   . 5CM A 1 1 ? 5.505   -11.435 1.419   1.00 14.84 ? 1  5CM A C5A   1 
HETATM 7   C C6    . 5CM A 1 1 ? 7.343   -10.041 2.383   1.00 15.21 ? 1  5CM A C6    1 
HETATM 8   O O2    . 5CM A 1 1 ? 9.290   -7.425  1.180   1.00 15.28 ? 1  5CM A O2    1 
HETATM 9   N N4    . 5CM A 1 1 ? 5.890   -9.836  -0.850  1.00 14.03 ? 1  5CM A N4    1 
HETATM 10  C "C1'" . 5CM A 1 1 ? 9.258   -8.757  3.353   1.00 16.73 ? 1  5CM A "C1'" 1 
HETATM 11  C "C2'" . 5CM A 1 1 ? 9.470   -7.474  4.000   1.00 17.47 ? 1  5CM A "C2'" 1 
HETATM 12  C "C3'" . 5CM A 1 1 ? 9.303   -7.884  5.514   1.00 17.96 ? 1  5CM A "C3'" 1 
HETATM 13  C "C4'" . 5CM A 1 1 ? 10.042  -9.221  5.459   1.00 18.05 ? 1  5CM A "C4'" 1 
HETATM 14  O "O4'" . 5CM A 1 1 ? 9.336   -9.815  4.367   1.00 17.65 ? 1  5CM A "O4'" 1 
HETATM 15  O "O3'" . 5CM A 1 1 ? 9.846   -6.923  6.370   1.00 18.75 ? 1  5CM A "O3'" 1 
HETATM 16  C "C5'" . 5CM A 1 1 ? 10.201  -10.173 6.572   1.00 18.13 ? 1  5CM A "C5'" 1 
HETATM 17  O "O5'" . 5CM A 1 1 ? 8.986   -10.965 6.687   1.00 18.93 ? 1  5CM A "O5'" 1 
ATOM   18  P P     . DG  A 1 2 ? 8.800   -6.343  7.534   1.00 23.97 ? 2  DG  A P     1 
ATOM   19  O OP1   . DG  A 1 2 ? 9.787   -6.201  8.653   1.00 24.41 ? 2  DG  A OP1   1 
ATOM   20  O OP2   . DG  A 1 2 ? 7.667   -7.312  7.696   1.00 23.35 ? 2  DG  A OP2   1 
ATOM   21  O "O5'" . DG  A 1 2 ? 8.544   -4.915  6.865   1.00 20.10 ? 2  DG  A "O5'" 1 
ATOM   22  C "C5'" . DG  A 1 2 ? 9.710   -4.274  6.215   1.00 19.11 ? 2  DG  A "C5'" 1 
ATOM   23  C "C4'" . DG  A 1 2 ? 9.057   -3.017  5.708   1.00 19.09 ? 2  DG  A "C4'" 1 
ATOM   24  O "O4'" . DG  A 1 2 ? 8.153   -3.287  4.665   1.00 18.61 ? 2  DG  A "O4'" 1 
ATOM   25  C "C3'" . DG  A 1 2 ? 8.364   -2.140  6.766   1.00 19.12 ? 2  DG  A "C3'" 1 
ATOM   26  O "O3'" . DG  A 1 2 ? 8.919   -0.817  6.805   1.00 19.85 ? 2  DG  A "O3'" 1 
ATOM   27  C "C2'" . DG  A 1 2 ? 6.896   -2.232  6.382   1.00 18.58 ? 2  DG  A "C2'" 1 
ATOM   28  C "C1'" . DG  A 1 2 ? 6.944   -2.423  4.854   1.00 17.76 ? 2  DG  A "C1'" 1 
ATOM   29  N N9    . DG  A 1 2 ? 5.775   -3.222  4.411   1.00 16.75 ? 2  DG  A N9    1 
ATOM   30  C C8    . DG  A 1 2 ? 5.195   -4.291  5.075   1.00 16.38 ? 2  DG  A C8    1 
ATOM   31  N N7    . DG  A 1 2 ? 4.208   -4.802  4.410   1.00 15.94 ? 2  DG  A N7    1 
ATOM   32  C C5    . DG  A 1 2 ? 4.097   -4.052  3.254   1.00 15.88 ? 2  DG  A C5    1 
ATOM   33  C C6    . DG  A 1 2 ? 3.210   -4.141  2.139   1.00 15.77 ? 2  DG  A C6    1 
ATOM   34  O O6    . DG  A 1 2 ? 2.290   -4.938  1.973   1.00 15.63 ? 2  DG  A O6    1 
ATOM   35  N N1    . DG  A 1 2 ? 3.428   -3.240  1.129   1.00 15.43 ? 2  DG  A N1    1 
ATOM   36  C C2    . DG  A 1 2 ? 4.416   -2.305  1.237   1.00 15.67 ? 2  DG  A C2    1 
ATOM   37  N N2    . DG  A 1 2 ? 4.510   -1.411  0.229   1.00 15.39 ? 2  DG  A N2    1 
ATOM   38  N N3    . DG  A 1 2 ? 5.278   -2.211  2.257   1.00 15.84 ? 2  DG  A N3    1 
ATOM   39  C C4    . DG  A 1 2 ? 5.069   -3.088  3.230   1.00 16.07 ? 2  DG  A C4    1 
ATOM   40  P P     . DT  A 1 3 ? 8.760   0.754   7.004   1.00 24.74 ? 3  DT  A P     1 
ATOM   41  O OP1   . DT  A 1 3 ? 10.052  1.234   7.647   1.00 24.79 ? 3  DT  A OP1   1 
ATOM   42  O OP2   . DT  A 1 3 ? 7.660   0.508   8.132   1.00 24.12 ? 3  DT  A OP2   1 
ATOM   43  O "O5'" . DT  A 1 3 ? 8.197   1.557   5.831   1.00 18.57 ? 3  DT  A "O5'" 1 
ATOM   44  C "C5'" . DT  A 1 3 ? 8.181   2.345   4.684   1.00 17.60 ? 3  DT  A "C5'" 1 
ATOM   45  C "C4'" . DT  A 1 3 ? 6.899   2.261   3.997   1.00 17.32 ? 3  DT  A "C4'" 1 
ATOM   46  O "O4'" . DT  A 1 3 ? 6.089   1.115   4.166   1.00 16.80 ? 3  DT  A "O4'" 1 
ATOM   47  C "C3'" . DT  A 1 3 ? 5.822   3.295   4.474   1.00 17.36 ? 3  DT  A "C3'" 1 
ATOM   48  O "O3'" . DT  A 1 3 ? 6.375   4.564   4.387   1.00 18.20 ? 3  DT  A "O3'" 1 
ATOM   49  C "C2'" . DT  A 1 3 ? 4.680   2.863   3.540   1.00 16.59 ? 3  DT  A "C2'" 1 
ATOM   50  C "C1'" . DT  A 1 3 ? 4.844   1.420   3.466   1.00 15.82 ? 3  DT  A "C1'" 1 
ATOM   51  N N1    . DT  A 1 3 ? 3.856   0.460   3.864   1.00 15.13 ? 3  DT  A N1    1 
ATOM   52  C C2    . DT  A 1 3 ? 2.933   0.095   2.889   1.00 14.80 ? 3  DT  A C2    1 
ATOM   53  O O2    . DT  A 1 3 ? 2.977   0.728   1.816   1.00 15.03 ? 3  DT  A O2    1 
ATOM   54  N N3    . DT  A 1 3 ? 2.033   -0.877  3.168   1.00 14.45 ? 3  DT  A N3    1 
ATOM   55  C C4    . DT  A 1 3 ? 1.983   -1.545  4.349   1.00 14.56 ? 3  DT  A C4    1 
ATOM   56  O O4    . DT  A 1 3 ? 1.069   -2.462  4.509   1.00 14.14 ? 3  DT  A O4    1 
ATOM   57  C C5    . DT  A 1 3 ? 2.964   -1.201  5.323   1.00 14.33 ? 3  DT  A C5    1 
ATOM   58  C C7    . DT  A 1 3 ? 2.977   -1.861  6.653   1.00 14.68 ? 3  DT  A C7    1 
ATOM   59  C C6    . DT  A 1 3 ? 3.827   -0.248  5.034   1.00 14.85 ? 3  DT  A C6    1 
HETATM 60  P P     . AS  A 1 4 ? 6.191   5.883   3.395   1.00 18.91 ? 4  AS  A P     1 
HETATM 61  O OP1   . AS  A 1 4 ? 7.344   5.785   2.473   1.00 19.10 ? 4  AS  A OP1   1 
HETATM 62  S S2P   . AS  A 1 4 ? 6.085   6.744   4.649   1.00 22.87 ? 4  AS  A S2P   1 
HETATM 63  O "O5'" . AS  A 1 4 ? 4.718   5.587   2.801   1.00 15.86 ? 4  AS  A "O5'" 1 
HETATM 64  C "C5'" . AS  A 1 4 ? 4.715   5.871   1.361   1.00 15.04 ? 4  AS  A "C5'" 1 
HETATM 65  C "C4'" . AS  A 1 4 ? 3.296   5.764   0.818   1.00 14.22 ? 4  AS  A "C4'" 1 
HETATM 66  O "O4'" . AS  A 1 4 ? 2.781   4.494   1.224   1.00 13.59 ? 4  AS  A "O4'" 1 
HETATM 67  C "C3'" . AS  A 1 4 ? 2.374   6.850   1.345   1.00 13.96 ? 4  AS  A "C3'" 1 
HETATM 68  O "O3'" . AS  A 1 4 ? 1.932   7.730   0.370   1.00 14.75 ? 4  AS  A "O3'" 1 
HETATM 69  C "C2'" . AS  A 1 4 ? 1.354   6.058   2.128   1.00 13.49 ? 4  AS  A "C2'" 1 
HETATM 70  C "C1'" . AS  A 1 4 ? 1.396   4.665   1.454   1.00 12.44 ? 4  AS  A "C1'" 1 
HETATM 71  N N9    . AS  A 1 4 ? 0.962   3.628   2.409   1.00 11.11 ? 4  AS  A N9    1 
HETATM 72  C C8    . AS  A 1 4 ? 1.405   3.393   3.649   1.00 10.40 ? 4  AS  A C8    1 
HETATM 73  N N7    . AS  A 1 4 ? 0.756   2.455   4.293   1.00 10.32 ? 4  AS  A N7    1 
HETATM 74  C C5    . AS  A 1 4 ? -0.144  1.968   3.329   1.00 10.02 ? 4  AS  A C5    1 
HETATM 75  C C6    . AS  A 1 4 ? -1.100  0.942   3.399   1.00 10.00 ? 4  AS  A C6    1 
HETATM 76  N N6    . AS  A 1 4 ? -1.263  0.195   4.475   1.00 9.72  ? 4  AS  A N6    1 
HETATM 77  N N1    . AS  A 1 4 ? -1.827  0.836   2.274   1.00 9.74  ? 4  AS  A N1    1 
HETATM 78  C C2    . AS  A 1 4 ? -1.702  1.615   1.177   1.00 9.52  ? 4  AS  A C2    1 
HETATM 79  N N3    . AS  A 1 4 ? -0.801  2.579   1.029   1.00 10.06 ? 4  AS  A N3    1 
HETATM 80  C C4    . AS  A 1 4 ? -0.031  2.701   2.156   1.00 10.43 ? 4  AS  A C4    1 
HETATM 81  N N1    . 5CM A 1 5 ? -2.420  5.808   2.661   1.00 16.76 ? 5  5CM A N1    1 
HETATM 82  C C2    . 5CM A 1 5 ? -3.264  4.693   2.680   1.00 16.46 ? 5  5CM A C2    1 
HETATM 83  N N3    . 5CM A 1 5 ? -3.184  3.849   3.751   1.00 16.10 ? 5  5CM A N3    1 
HETATM 84  C C4    . 5CM A 1 5 ? -2.325  4.065   4.772   1.00 16.00 ? 5  5CM A C4    1 
HETATM 85  C C5    . 5CM A 1 5 ? -1.463  5.188   4.720   1.00 16.15 ? 5  5CM A C5    1 
HETATM 86  C C5A   . 5CM A 1 5 ? -0.510  5.457   5.899   1.00 16.05 ? 5  5CM A C5A   1 
HETATM 87  C C6    . 5CM A 1 5 ? -1.558  6.023   3.677   1.00 16.28 ? 5  5CM A C6    1 
HETATM 88  O O2    . 5CM A 1 5 ? -4.008  4.549   1.702   1.00 16.35 ? 5  5CM A O2    1 
HETATM 89  N N4    . 5CM A 1 5 ? -2.261  3.268   5.839   1.00 15.66 ? 5  5CM A N4    1 
HETATM 90  C "C1'" . 5CM A 1 5 ? -2.641  6.697   1.538   1.00 17.32 ? 5  5CM A "C1'" 1 
HETATM 91  C "C2'" . 5CM A 1 5 ? -3.015  8.096   2.051   1.00 18.06 ? 5  5CM A "C2'" 1 
HETATM 92  C "C3'" . 5CM A 1 5 ? -2.622  8.985   0.858   1.00 18.33 ? 5  5CM A "C3'" 1 
HETATM 93  C "C4'" . 5CM A 1 5 ? -1.959  8.054   -0.141  1.00 18.38 ? 5  5CM A "C4'" 1 
HETATM 94  O "O4'" . 5CM A 1 5 ? -1.498  6.970   0.733   1.00 18.34 ? 5  5CM A "O4'" 1 
HETATM 95  O "O3'" . 5CM A 1 5 ? -3.812  9.578   0.331   1.00 18.67 ? 5  5CM A "O3'" 1 
HETATM 96  C "C5'" . 5CM A 1 5 ? -0.789  8.466   -0.989  1.00 18.55 ? 5  5CM A "C5'" 1 
HETATM 97  O "O5'" . 5CM A 1 5 ? 0.062   9.339   -0.198  1.00 18.82 ? 5  5CM A "O5'" 1 
HETATM 98  P P     . 5CM A 1 5 ? 1.560   9.297   0.179   1.00 19.12 ? 5  5CM A P     1 
HETATM 99  O OP1   . 5CM A 1 5 ? 2.549   9.971   -0.744  1.00 19.66 ? 5  5CM A OP1   1 
HETATM 100 O OP2   . 5CM A 1 5 ? 1.861   9.861   1.587   1.00 21.03 ? 5  5CM A OP2   1 
ATOM   101 P P     . DG  A 1 6 ? -3.960  11.152  0.012   1.00 20.00 ? 6  DG  A P     1 
ATOM   102 O OP1   . DG  A 1 6 ? -3.372  11.502  -1.327  1.00 20.64 ? 6  DG  A OP1   1 
ATOM   103 O OP2   . DG  A 1 6 ? -3.274  11.885  1.173   1.00 21.14 ? 6  DG  A OP2   1 
ATOM   104 O "O5'" . DG  A 1 6 ? -5.582  10.964  -0.127  1.00 17.69 ? 6  DG  A "O5'" 1 
ATOM   105 C "C5'" . DG  A 1 6 ? -5.965  10.277  -1.383  1.00 17.05 ? 6  DG  A "C5'" 1 
ATOM   106 C "C4'" . DG  A 1 6 ? -7.431  9.924   -1.161  1.00 16.91 ? 6  DG  A "C4'" 1 
ATOM   107 O "O4'" . DG  A 1 6 ? -7.498  8.939   -0.179  1.00 16.83 ? 6  DG  A "O4'" 1 
ATOM   108 C "C3'" . DG  A 1 6 ? -8.275  11.088  -0.645  1.00 16.93 ? 6  DG  A "C3'" 1 
ATOM   109 O "O3'" . DG  A 1 6 ? -8.854  11.904  -1.683  1.00 17.23 ? 6  DG  A "O3'" 1 
ATOM   110 C "C2'" . DG  A 1 6 ? -9.289  10.459  0.289   1.00 16.77 ? 6  DG  A "C2'" 1 
ATOM   111 C "C1'" . DG  A 1 6 ? -8.745  9.092   0.615   1.00 16.22 ? 6  DG  A "C1'" 1 
ATOM   112 N N9    . DG  A 1 6 ? -8.285  9.015   2.014   1.00 15.69 ? 6  DG  A N9    1 
ATOM   113 C C8    . DG  A 1 6 ? -7.180  9.694   2.513   1.00 15.47 ? 6  DG  A C8    1 
ATOM   114 N N7    . DG  A 1 6 ? -6.966  9.391   3.748   1.00 15.34 ? 6  DG  A N7    1 
ATOM   115 C C5    . DG  A 1 6 ? -7.914  8.436   4.100   1.00 14.87 ? 6  DG  A C5    1 
ATOM   116 C C6    . DG  A 1 6 ? -8.140  7.730   5.288   1.00 14.75 ? 6  DG  A C6    1 
ATOM   117 O O6    . DG  A 1 6 ? -7.526  7.815   6.333   1.00 14.52 ? 6  DG  A O6    1 
ATOM   118 N N1    . DG  A 1 6 ? -9.178  6.849   5.240   1.00 14.26 ? 6  DG  A N1    1 
ATOM   119 C C2    . DG  A 1 6 ? -9.914  6.718   4.133   1.00 14.35 ? 6  DG  A C2    1 
ATOM   120 N N2    . DG  A 1 6 ? -10.875 5.791   4.186   1.00 14.50 ? 6  DG  A N2    1 
ATOM   121 N N3    . DG  A 1 6 ? -9.783  7.377   2.990   1.00 14.80 ? 6  DG  A N3    1 
ATOM   122 C C4    . DG  A 1 6 ? -8.733  8.201   3.022   1.00 15.10 ? 6  DG  A C4    1 
HETATM 123 N N1    . 5CM B 1 1 ? -10.581 3.124   8.300   1.00 14.38 ? 7  5CM B N1    1 
HETATM 124 C C2    . 5CM B 1 1 ? -10.433 4.027   7.222   1.00 13.94 ? 7  5CM B C2    1 
HETATM 125 N N3    . 5CM B 1 1 ? -9.509  5.036   7.365   1.00 13.30 ? 7  5CM B N3    1 
HETATM 126 C C4    . 5CM B 1 1 ? -8.783  5.182   8.492   1.00 13.02 ? 7  5CM B C4    1 
HETATM 127 C C5    . 5CM B 1 1 ? -8.949  4.279   9.573   1.00 13.19 ? 7  5CM B C5    1 
HETATM 128 C C5A   . 5CM B 1 1 ? -8.149  4.353   10.792  1.00 12.90 ? 7  5CM B C5A   1 
HETATM 129 C C6    . 5CM B 1 1 ? -9.832  3.280   9.422   1.00 13.76 ? 7  5CM B C6    1 
HETATM 130 O O2    . 5CM B 1 1 ? -11.140 3.947   6.208   1.00 13.63 ? 7  5CM B O2    1 
HETATM 131 N N4    . 5CM B 1 1 ? -7.871  6.136   8.546   1.00 12.69 ? 7  5CM B N4    1 
HETATM 132 C "C1'" . 5CM B 1 1 ? -11.646 2.102   8.211   1.00 15.36 ? 7  5CM B "C1'" 1 
HETATM 133 C "C2'" . 5CM B 1 1 ? -11.537 1.195   7.046   1.00 16.15 ? 7  5CM B "C2'" 1 
HETATM 134 C "C3'" . 5CM B 1 1 ? -10.571 0.094   7.593   1.00 16.56 ? 7  5CM B "C3'" 1 
HETATM 135 C "C4'" . 5CM B 1 1 ? -10.841 0.045   9.056   1.00 16.53 ? 7  5CM B "C4'" 1 
HETATM 136 O "O4'" . 5CM B 1 1 ? -11.668 1.173   9.358   1.00 16.21 ? 7  5CM B "O4'" 1 
HETATM 137 O "O3'" . 5CM B 1 1 ? -10.685 -1.081  6.812   1.00 17.00 ? 7  5CM B "O3'" 1 
HETATM 138 C "C5'" . 5CM B 1 1 ? -9.673  -0.094  10.003  1.00 16.93 ? 7  5CM B "C5'" 1 
HETATM 139 O "O5'" . 5CM B 1 1 ? -8.414  -0.089  9.168   1.00 17.39 ? 7  5CM B "O5'" 1 
ATOM   140 P P     . DG  B 1 2 ? -11.646 -2.269  6.893   1.00 22.51 ? 8  DG  B P     1 
ATOM   141 O OP1   . DG  B 1 2 ? -13.058 -1.624  7.031   1.00 22.95 ? 8  DG  B OP1   1 
ATOM   142 O OP2   . DG  B 1 2 ? -11.319 -3.085  8.134   1.00 23.05 ? 8  DG  B OP2   1 
ATOM   143 O "O5'" . DG  B 1 2 ? -11.597 -3.025  5.488   1.00 17.99 ? 8  DG  B "O5'" 1 
ATOM   144 C "C5'" . DG  B 1 2 ? -12.029 -2.079  4.450   1.00 17.06 ? 8  DG  B "C5'" 1 
ATOM   145 C "C4'" . DG  B 1 2 ? -10.897 -2.047  3.481   1.00 16.67 ? 8  DG  B "C4'" 1 
ATOM   146 O "O4'" . DG  B 1 2 ? -9.889  -1.230  4.017   1.00 16.18 ? 8  DG  B "O4'" 1 
ATOM   147 C "C3'" . DG  B 1 2 ? -10.243 -3.357  3.024   1.00 16.57 ? 8  DG  B "C3'" 1 
ATOM   148 O "O3'" . DG  B 1 2 ? -10.008 -3.312  1.572   1.00 17.74 ? 8  DG  B "O3'" 1 
ATOM   149 C "C2'" . DG  B 1 2 ? -8.856  -3.253  3.702   1.00 16.03 ? 8  DG  B "C2'" 1 
ATOM   150 C "C1'" . DG  B 1 2 ? -8.609  -1.763  3.453   1.00 15.07 ? 8  DG  B "C1'" 1 
ATOM   151 N N9    . DG  B 1 2 ? -7.518  -1.209  4.251   1.00 14.10 ? 8  DG  B N9    1 
ATOM   152 C C8    . DG  B 1 2 ? -7.160  -1.574  5.548   1.00 13.70 ? 8  DG  B C8    1 
ATOM   153 N N7    . DG  B 1 2 ? -6.180  -0.886  6.012   1.00 13.31 ? 8  DG  B N7    1 
ATOM   154 C C5    . DG  B 1 2 ? -5.827  -0.014  4.982   1.00 13.00 ? 8  DG  B C5    1 
ATOM   155 C C6    . DG  B 1 2 ? -4.853  0.997   4.922   1.00 12.89 ? 8  DG  B C6    1 
ATOM   156 O O6    . DG  B 1 2 ? -4.047  1.294   5.811   1.00 12.91 ? 8  DG  B O6    1 
ATOM   157 N N1    . DG  B 1 2 ? -4.843  1.697   3.769   1.00 12.46 ? 8  DG  B N1    1 
ATOM   158 C C2    . DG  B 1 2 ? -5.691  1.420   2.754   1.00 12.67 ? 8  DG  B C2    1 
ATOM   159 N N2    . DG  B 1 2 ? -5.532  2.213   1.717   1.00 13.00 ? 8  DG  B N2    1 
ATOM   160 N N3    . DG  B 1 2 ? -6.643  0.499   2.747   1.00 13.00 ? 8  DG  B N3    1 
ATOM   161 C C4    . DG  B 1 2 ? -6.674  -0.170  3.919   1.00 13.26 ? 8  DG  B C4    1 
ATOM   162 P P     . DT  B 1 3 ? -10.317 -4.333  0.375   1.00 19.01 ? 9  DT  B P     1 
ATOM   163 O OP1   . DT  B 1 3 ? -11.672 -4.111  -0.176  1.00 20.01 ? 9  DT  B OP1   1 
ATOM   164 O OP2   . DT  B 1 3 ? -10.070 -5.613  1.045   1.00 19.80 ? 9  DT  B OP2   1 
ATOM   165 O "O5'" . DT  B 1 3 ? -9.376  -3.782  -0.761  1.00 17.37 ? 9  DT  B "O5'" 1 
ATOM   166 C "C5'" . DT  B 1 3 ? -9.654  -2.567  -1.505  1.00 17.13 ? 9  DT  B "C5'" 1 
ATOM   167 C "C4'" . DT  B 1 3 ? -8.315  -1.937  -1.754  1.00 17.15 ? 9  DT  B "C4'" 1 
ATOM   168 O "O4'" . DT  B 1 3 ? -7.588  -1.892  -0.501  1.00 16.92 ? 9  DT  B "O4'" 1 
ATOM   169 C "C3'" . DT  B 1 3 ? -7.305  -2.745  -2.601  1.00 17.37 ? 9  DT  B "C3'" 1 
ATOM   170 O "O3'" . DT  B 1 3 ? -7.558  -2.458  -3.970  1.00 18.54 ? 9  DT  B "O3'" 1 
ATOM   171 C "C2'" . DT  B 1 3 ? -5.918  -2.251  -2.092  1.00 16.75 ? 9  DT  B "C2'" 1 
ATOM   172 C "C1'" . DT  B 1 3 ? -6.227  -1.492  -0.890  1.00 15.88 ? 9  DT  B "C1'" 1 
ATOM   173 N N1    . DT  B 1 3 ? -5.413  -1.616  0.309   1.00 14.97 ? 9  DT  B N1    1 
ATOM   174 C C2    . DT  B 1 3 ? -4.389  -0.666  0.390   1.00 14.70 ? 9  DT  B C2    1 
ATOM   175 O O2    . DT  B 1 3 ? -4.186  0.131   -0.530  1.00 14.69 ? 9  DT  B O2    1 
ATOM   176 N N3    . DT  B 1 3 ? -3.627  -0.718  1.507   1.00 14.40 ? 9  DT  B N3    1 
ATOM   177 C C4    . DT  B 1 3 ? -3.802  -1.682  2.478   1.00 14.13 ? 9  DT  B C4    1 
ATOM   178 O O4    . DT  B 1 3 ? -3.013  -1.646  3.505   1.00 14.31 ? 9  DT  B O4    1 
ATOM   179 C C5    . DT  B 1 3 ? -4.815  -2.633  2.363   1.00 14.06 ? 9  DT  B C5    1 
ATOM   180 C C7    . DT  B 1 3 ? -5.051  -3.632  3.463   1.00 13.55 ? 9  DT  B C7    1 
ATOM   181 C C6    . DT  B 1 3 ? -5.615  -2.537  1.277   1.00 14.29 ? 9  DT  B C6    1 
HETATM 182 P P     . AS  B 1 4 ? -6.739  -2.698  -5.330  1.00 23.93 ? 10 AS  B P     1 
HETATM 183 O OP1   . AS  B 1 4 ? -7.362  -1.795  -6.438  1.00 24.30 ? 10 AS  B OP1   1 
HETATM 184 S S2P   . AS  B 1 4 ? -7.013  -4.227  -5.458  1.00 25.74 ? 10 AS  B S2P   1 
HETATM 185 O "O5'" . AS  B 1 4 ? -5.341  -2.071  -4.874  1.00 17.89 ? 10 AS  B "O5'" 1 
HETATM 186 C "C5'" . AS  B 1 4 ? -5.261  -0.611  -5.052  1.00 16.43 ? 10 AS  B "C5'" 1 
HETATM 187 C "C4'" . AS  B 1 4 ? -3.788  -0.291  -4.898  1.00 15.87 ? 10 AS  B "C4'" 1 
HETATM 188 O "O4'" . AS  B 1 4 ? -3.410  -0.412  -3.558  1.00 15.47 ? 10 AS  B "O4'" 1 
HETATM 189 C "C3'" . AS  B 1 4 ? -2.833  -1.160  -5.705  1.00 15.68 ? 10 AS  B "C3'" 1 
HETATM 190 O "O3'" . AS  B 1 4 ? -2.323  -0.484  -6.841  1.00 16.18 ? 10 AS  B "O3'" 1 
HETATM 191 C "C2'" . AS  B 1 4 ? -1.795  -1.626  -4.696  1.00 15.31 ? 10 AS  B "C2'" 1 
HETATM 192 C "C1'" . AS  B 1 4 ? -1.980  -0.787  -3.493  1.00 14.36 ? 10 AS  B "C1'" 1 
HETATM 193 N N9    . AS  B 1 4 ? -1.757  -1.455  -2.216  1.00 13.08 ? 10 AS  B N9    1 
HETATM 194 C C8    . AS  B 1 4 ? -2.393  -2.486  -1.616  1.00 12.81 ? 10 AS  B C8    1 
HETATM 195 N N7    . AS  B 1 4 ? -1.940  -2.833  -0.437  1.00 12.24 ? 10 AS  B N7    1 
HETATM 196 C C5    . AS  B 1 4 ? -0.927  -1.927  -0.210  1.00 12.13 ? 10 AS  B C5    1 
HETATM 197 C C6    . AS  B 1 4 ? -0.057  -1.720  0.887   1.00 11.92 ? 10 AS  B C6    1 
HETATM 198 N N6    . AS  B 1 4 ? -0.051  -2.439  1.976   1.00 11.43 ? 10 AS  B N6    1 
HETATM 199 N N1    . AS  B 1 4 ? 0.824   -0.726  0.713   1.00 11.72 ? 10 AS  B N1    1 
HETATM 200 C C2    . AS  B 1 4 ? 0.880   0.053   -0.385  1.00 12.32 ? 10 AS  B C2    1 
HETATM 201 N N3    . AS  B 1 4 ? 0.083   -0.060  -1.464  1.00 12.28 ? 10 AS  B N3    1 
HETATM 202 C C4    . AS  B 1 4 ? -0.800  -1.056  -1.284  1.00 12.68 ? 10 AS  B C4    1 
HETATM 203 N N1    . 5CM B 1 5 ? 1.783   -2.842  -3.421  1.00 16.47 ? 11 5CM B N1    1 
HETATM 204 C C2    . 5CM B 1 5 ? 2.378   -2.626  -2.178  1.00 16.23 ? 11 5CM B C2    1 
HETATM 205 N N3    . 5CM B 1 5 ? 1.951   -3.385  -1.136  1.00 15.89 ? 11 5CM B N3    1 
HETATM 206 C C4    . 5CM B 1 5 ? 1.030   -4.352  -1.267  1.00 15.62 ? 11 5CM B C4    1 
HETATM 207 C C5    . 5CM B 1 5 ? 0.442   -4.555  -2.533  1.00 15.86 ? 11 5CM B C5    1 
HETATM 208 C C5A   . 5CM B 1 5 ? -0.660  -5.598  -2.752  1.00 15.73 ? 11 5CM B C5A   1 
HETATM 209 C C6    . 5CM B 1 5 ? 0.845   -3.790  -3.544  1.00 16.13 ? 11 5CM B C6    1 
HETATM 210 O O2    . 5CM B 1 5 ? 3.243   -1.736  -2.091  1.00 15.84 ? 11 5CM B O2    1 
HETATM 211 N N4    . 5CM B 1 5 ? 0.689   -5.090  -0.227  1.00 15.40 ? 11 5CM B N4    1 
HETATM 212 C "C1'" . 5CM B 1 5 ? 2.394   -2.095  -4.510  1.00 17.37 ? 11 5CM B "C1'" 1 
HETATM 213 C "C2'" . 5CM B 1 5 ? 3.307   -3.099  -5.257  1.00 17.86 ? 11 5CM B "C2'" 1 
HETATM 214 C "C3'" . 5CM B 1 5 ? 3.352   -2.555  -6.671  1.00 18.47 ? 11 5CM B "C3'" 1 
HETATM 215 C "C4'" . 5CM B 1 5 ? 2.313   -1.442  -6.728  1.00 18.43 ? 11 5CM B "C4'" 1 
HETATM 216 O "O4'" . 5CM B 1 5 ? 1.889   -1.199  -5.412  1.00 18.06 ? 11 5CM B "O4'" 1 
HETATM 217 O "O3'" . 5CM B 1 5 ? 4.620   -2.241  -7.164  1.00 19.07 ? 11 5CM B "O3'" 1 
HETATM 218 C "C5'" . 5CM B 1 5 ? 1.163   -1.858  -7.628  1.00 19.04 ? 11 5CM B "C5'" 1 
HETATM 219 O "O5'" . 5CM B 1 5 ? -0.081  -1.291  -7.196  1.00 19.64 ? 11 5CM B "O5'" 1 
HETATM 220 P P     . 5CM B 1 5 ? -1.401  -1.011  -8.007  1.00 22.90 ? 11 5CM B P     1 
HETATM 221 O OP1   . 5CM B 1 5 ? -1.051  0.011   -9.152  1.00 21.94 ? 11 5CM B OP1   1 
HETATM 222 O OP2   . 5CM B 1 5 ? -2.138  -2.254  -8.506  1.00 22.91 ? 11 5CM B OP2   1 
ATOM   223 P P     . DG  B 1 6 ? 5.358   -2.006  -8.645  1.00 22.65 ? 12 DG  B P     1 
ATOM   224 O OP1   . DG  B 1 6 ? 4.662   -0.714  -9.061  1.00 21.37 ? 12 DG  B OP1   1 
ATOM   225 O OP2   . DG  B 1 6 ? 4.756   -3.178  -9.274  1.00 23.37 ? 12 DG  B OP2   1 
ATOM   226 O "O5'" . DG  B 1 6 ? 6.861   -2.007  -8.129  1.00 17.29 ? 12 DG  B "O5'" 1 
ATOM   227 C "C5'" . DG  B 1 6 ? 7.136   -0.854  -7.208  1.00 16.35 ? 12 DG  B "C5'" 1 
ATOM   228 C "C4'" . DG  B 1 6 ? 8.295   -1.224  -6.314  1.00 15.74 ? 12 DG  B "C4'" 1 
ATOM   229 O "O4'" . DG  B 1 6 ? 7.954   -2.191  -5.344  1.00 15.44 ? 12 DG  B "O4'" 1 
ATOM   230 C "C3'" . DG  B 1 6 ? 9.589   -1.645  -6.953  1.00 15.73 ? 12 DG  B "C3'" 1 
ATOM   231 O "O3'" . DG  B 1 6 ? 10.774  -0.824  -6.662  1.00 15.98 ? 12 DG  B "O3'" 1 
ATOM   232 C "C2'" . DG  B 1 6 ? 9.677   -3.137  -6.614  1.00 15.28 ? 12 DG  B "C2'" 1 
ATOM   233 C "C1'" . DG  B 1 6 ? 8.972   -3.291  -5.289  1.00 14.22 ? 12 DG  B "C1'" 1 
ATOM   234 N N9    . DG  B 1 6 ? 8.203   -4.530  -5.085  1.00 12.86 ? 12 DG  B N9    1 
ATOM   235 C C8    . DG  B 1 6 ? 7.216   -5.045  -5.847  1.00 12.54 ? 12 DG  B C8    1 
ATOM   236 N N7    . DG  B 1 6 ? 6.633   -6.082  -5.320  1.00 12.42 ? 12 DG  B N7    1 
ATOM   237 C C5    . DG  B 1 6 ? 7.249   -6.257  -4.084  1.00 12.11 ? 12 DG  B C5    1 
ATOM   238 C C6    . DG  B 1 6 ? 7.071   -7.200  -3.047  1.00 11.99 ? 12 DG  B C6    1 
ATOM   239 O O6    . DG  B 1 6 ? 6.310   -8.162  -2.940  1.00 11.87 ? 12 DG  B O6    1 
ATOM   240 N N1    . DG  B 1 6 ? 7.918   -7.041  -1.990  1.00 11.71 ? 12 DG  B N1    1 
ATOM   241 C C2    . DG  B 1 6 ? 8.802   -6.029  -1.935  1.00 11.66 ? 12 DG  B C2    1 
ATOM   242 N N2    . DG  B 1 6 ? 9.576   -5.944  -0.859  1.00 11.34 ? 12 DG  B N2    1 
ATOM   243 N N3    . DG  B 1 6 ? 8.996   -5.142  -2.896  1.00 12.01 ? 12 DG  B N3    1 
ATOM   244 C C4    . DG  B 1 6 ? 8.208   -5.310  -3.950  1.00 12.18 ? 12 DG  B C4    1 
HETATM 245 C C1    . NGU C 2 . ? -5.863  3.011   7.910   1.00 14.34 ? 13 NGU B C1    1 
HETATM 246 C C2    . NGU C 2 . ? -4.854  3.767   8.469   1.00 14.49 ? 13 NGU B C2    1 
HETATM 247 C C3    . NGU C 2 . ? -4.316  4.894   7.807   1.00 13.95 ? 13 NGU B C3    1 
HETATM 248 C C4    . NGU C 2 . ? -4.833  5.193   6.544   1.00 13.42 ? 13 NGU B C4    1 
HETATM 249 C C5    . NGU C 2 . ? -6.365  4.856   4.647   1.00 13.47 ? 13 NGU B C5    1 
HETATM 250 C C6    . NGU C 2 . ? -7.827  4.436   2.778   1.00 14.52 ? 13 NGU B C6    1 
HETATM 251 C C7    . NGU C 2 . ? -9.223  4.309   0.686   1.00 15.71 ? 13 NGU B C7    1 
HETATM 252 C C8    . NGU C 2 . ? -10.481 3.550   0.144   1.00 16.13 ? 13 NGU B C8    1 
HETATM 253 C C9    . NGU C 2 . ? -10.517 2.010   0.489   1.00 16.06 ? 13 NGU B C9    1 
HETATM 254 C C10   . NGU C 2 . ? -10.533 1.880   1.999   1.00 15.90 ? 13 NGU B C10   1 
HETATM 255 C C11   . NGU C 2 . ? -9.026  2.239   4.035   1.00 14.81 ? 13 NGU B C11   1 
HETATM 256 C C12   . NGU C 2 . ? -7.550  2.549   6.001   1.00 14.01 ? 13 NGU B C12   1 
HETATM 257 C C13   . NGU C 2 . ? -9.466  1.286   -0.179  1.00 16.24 ? 13 NGU B C13   1 
HETATM 258 C C14   . NGU C 2 . ? -11.875 2.265   2.562   1.00 16.33 ? 13 NGU B C14   1 
HETATM 259 C C15   . NGU C 2 . ? -13.178 1.970   4.478   1.00 16.47 ? 13 NGU B C15   1 
HETATM 260 C C16   . NGU C 2 . ? -5.861  4.469   5.981   1.00 13.72 ? 13 NGU B C16   1 
HETATM 261 C C17   . NGU C 2 . ? -7.377  4.113   4.018   1.00 14.08 ? 13 NGU B C17   1 
HETATM 262 C C18   . NGU C 2 . ? -8.873  3.759   2.065   1.00 15.28 ? 13 NGU B C18   1 
HETATM 263 C C19   . NGU C 2 . ? -9.435  2.655   2.739   1.00 15.33 ? 13 NGU B C19   1 
HETATM 264 C C20   . NGU C 2 . ? -7.985  2.970   4.674   1.00 14.15 ? 13 NGU B C20   1 
HETATM 265 C C21   . NGU C 2 . ? -6.408  3.331   6.669   1.00 13.84 ? 13 NGU B C21   1 
HETATM 266 O O1    . NGU C 2 . ? -6.444  1.969   8.485   1.00 14.79 ? 13 NGU B O1    1 
HETATM 267 O O4    . NGU C 2 . ? -4.295  6.214   5.955   1.00 13.40 ? 13 NGU B O4    1 
HETATM 268 O O5    . NGU C 2 . ? -5.811  5.813   4.082   1.00 13.66 ? 13 NGU B O5    1 
HETATM 269 O O6    . NGU C 2 . ? -7.248  5.531   2.151   1.00 14.23 ? 13 NGU B O6    1 
HETATM 270 O O7    . NGU C 2 . ? -8.174  3.885   -0.214  1.00 16.72 ? 13 NGU B O7    1 
HETATM 271 O O9    . NGU C 2 . ? -11.851 1.557   0.001   1.00 16.30 ? 13 NGU B O9    1 
HETATM 272 O O10   . NGU C 2 . ? -11.904 1.636   3.793   1.00 16.79 ? 13 NGU B O10   1 
HETATM 273 O O14   . NGU C 2 . ? -12.276 3.410   2.637   1.00 16.31 ? 13 NGU B O14   1 
HETATM 274 O O12   . NGU C 2 . ? -8.062  1.526   6.516   1.00 13.81 ? 13 NGU B O12   1 
HETATM 275 C "C1'" . NGU C 2 . ? -7.685  4.823   -1.122  1.00 17.07 ? 13 NGU B "C1'" 1 
HETATM 276 C "C2'" . NGU C 2 . ? -6.239  4.401   -1.654  1.00 17.17 ? 13 NGU B "C2'" 1 
HETATM 277 C "C3'" . NGU C 2 . ? -6.325  3.220   -2.615  1.00 17.23 ? 13 NGU B "C3'" 1 
HETATM 278 C "C4'" . NGU C 2 . ? -7.392  3.531   -3.704  1.00 17.38 ? 13 NGU B "C4'" 1 
HETATM 279 C "C5'" . NGU C 2 . ? -8.699  3.841   -3.071  1.00 17.47 ? 13 NGU B "C5'" 1 
HETATM 280 C C25   . NGU C 2 . ? -9.790  4.262   -4.121  1.00 17.58 ? 13 NGU B C25   1 
HETATM 281 C C26   . NGU C 2 . ? -7.298  3.153   -5.972  1.00 17.39 ? 13 NGU B C26   1 
HETATM 282 C C27   . NGU C 2 . ? -3.890  2.486   -2.956  1.00 17.04 ? 13 NGU B C27   1 
HETATM 283 C C28   . NGU C 2 . ? -6.707  1.876   -1.784  1.00 17.35 ? 13 NGU B C28   1 
HETATM 284 C C29   . NGU C 2 . ? -4.653  6.216   -2.179  1.00 17.13 ? 13 NGU B C29   1 
HETATM 285 O "O1'" . NGU C 2 . ? -8.484  5.092   -2.313  1.00 17.49 ? 13 NGU B "O1'" 1 
HETATM 286 O "O2'" . NGU C 2 . ? -5.836  5.491   -2.473  1.00 17.19 ? 13 NGU B "O2'" 1 
HETATM 287 O "O3'" . NGU C 2 . ? -5.114  3.168   -3.278  1.00 17.19 ? 13 NGU B "O3'" 1 
HETATM 288 O "O4'" . NGU C 2 . ? -7.604  2.560   -4.683  1.00 17.31 ? 13 NGU B "O4'" 1 
HETATM 289 C C30   . NGU C 2 . ? -5.939  1.425   9.735   1.00 15.50 ? 13 NGU B C30   1 
HETATM 290 C C31   . NGU C 2 . ? -4.901  0.376   9.538   1.00 15.74 ? 13 NGU B C31   1 
HETATM 291 C C32   . NGU C 2 . ? -3.593  0.959   8.926   1.00 16.05 ? 13 NGU B C32   1 
HETATM 292 C C33   . NGU C 2 . ? -3.129  2.217   9.645   1.00 15.58 ? 13 NGU B C33   1 
HETATM 293 C C34   . NGU C 2 . ? -4.261  3.255   9.826   1.00 15.23 ? 13 NGU B C34   1 
HETATM 294 C C22   . NGU C 2 . ? -3.801  4.352   10.868  1.00 15.08 ? 13 NGU B C22   1 
HETATM 295 C C23   . NGU C 2 . ? -1.570  -0.016  7.767   1.00 17.24 ? 13 NGU B C23   1 
HETATM 296 C C24   . NGU C 2 . ? -2.714  -1.500  9.345   1.00 16.72 ? 13 NGU B C24   1 
HETATM 297 N N1    . NGU C 2 . ? -2.504  -0.057  8.847   1.00 16.23 ? 13 NGU B N1    1 
HETATM 298 O O2    . NGU C 2 . ? -5.391  2.579   10.503  1.00 15.41 ? 13 NGU B O2    1 
HETATM 299 O O15   . NGU C 2 . ? -5.333  -0.755  8.783   1.00 16.05 ? 13 NGU B O15   1 
HETATM 300 O O16   . NGU C 2 . ? -2.011  2.716   8.968   1.00 15.96 ? 13 NGU B O16   1 
HETATM 301 O O23   . NGU C 2 . ? -0.598  -0.138  6.988   1.00 18.52 ? 13 NGU B O23   1 
HETATM 302 C C1    . NGU D 2 . ? 3.881   -7.581  0.567   1.00 17.28 ? 14 NGU B C1    1 
HETATM 303 C C2    . NGU D 2 . ? 2.853   -8.121  -0.153  1.00 17.28 ? 14 NGU B C2    1 
HETATM 304 C C3    . NGU D 2 . ? 2.559   -7.663  -1.476  1.00 16.95 ? 14 NGU B C3    1 
HETATM 305 C C4    . NGU D 2 . ? 3.310   -6.616  -2.013  1.00 16.77 ? 14 NGU B C4    1 
HETATM 306 C C5    . NGU D 2 . ? 5.095   -4.915  -1.898  1.00 16.72 ? 14 NGU B C5    1 
HETATM 307 C C6    . NGU D 2 . ? 6.847   -3.238  -1.627  1.00 17.38 ? 14 NGU B C6    1 
HETATM 308 C C7    . NGU D 2 . ? 8.611   -1.411  -1.617  1.00 18.77 ? 14 NGU B C7    1 
HETATM 309 C C8    . NGU D 2 . ? 9.880   -0.985  -0.818  1.00 18.92 ? 14 NGU B C8    1 
HETATM 310 C C9    . NGU D 2 . ? 9.710   -1.024  0.758   1.00 18.67 ? 14 NGU B C9    1 
HETATM 311 C C10   . NGU D 2 . ? 9.400   -2.450  1.176   1.00 18.58 ? 14 NGU B C10   1 
HETATM 312 C C11   . NGU D 2 . ? 7.479   -4.123  0.942   1.00 17.52 ? 14 NGU B C11   1 
HETATM 313 C C12   . NGU D 2 . ? 5.769   -5.845  0.803   1.00 16.89 ? 14 NGU B C12   1 
HETATM 314 C C13   . NGU D 2 . ? 8.757   -0.079  1.232   1.00 18.89 ? 14 NGU B C13   1 
HETATM 315 C C14   . NGU D 2 . ? 10.635  -3.285  0.960   1.00 18.72 ? 14 NGU B C14   1 
HETATM 316 C C15   . NGU D 2 . ? 11.659  -4.960  2.239   1.00 18.63 ? 14 NGU B C15   1 
HETATM 317 C C16   . NGU D 2 . ? 4.338   -6.037  -1.294  1.00 16.77 ? 14 NGU B C16   1 
HETATM 318 C C17   . NGU D 2 . ? 6.124   -4.283  -1.155  1.00 16.97 ? 14 NGU B C17   1 
HETATM 319 C C18   . NGU D 2 . ? 7.938   -2.585  -0.913  1.00 18.01 ? 14 NGU B C18   1 
HETATM 320 C C19   . NGU D 2 . ? 8.205   -3.074  0.379   1.00 18.04 ? 14 NGU B C19   1 
HETATM 321 C C20   . NGU D 2 . ? 6.470   -4.755  0.170   1.00 16.93 ? 14 NGU B C20   1 
HETATM 322 C C21   . NGU D 2 . ? 4.643   -6.498  0.038   1.00 16.86 ? 14 NGU B C21   1 
HETATM 323 O O1    . NGU D 2 . ? 4.225   -7.973  1.828   1.00 17.58 ? 14 NGU B O1    1 
HETATM 324 O O4    . NGU D 2 . ? 2.998   -6.238  -3.263  1.00 16.92 ? 14 NGU B O4    1 
HETATM 325 O O5    . NGU D 2 . ? 4.743   -4.514  -3.054  1.00 16.65 ? 14 NGU B O5    1 
HETATM 326 O O6    . NGU D 2 . ? 6.540   -2.767  -2.882  1.00 17.24 ? 14 NGU B O6    1 
HETATM 327 O O7    . NGU D 2 . ? 7.630   -0.327  -1.500  1.00 19.71 ? 14 NGU B O7    1 
HETATM 328 O O9    . NGU D 2 . ? 11.038  -0.733  1.282   1.00 19.31 ? 14 NGU B O9    1 
HETATM 329 O O10   . NGU D 2 . ? 11.320  -3.579  2.053   1.00 19.16 ? 14 NGU B O10   1 
HETATM 330 O O14   . NGU D 2 . ? 11.046  -3.876  0.053   1.00 18.73 ? 14 NGU B O14   1 
HETATM 331 O O12   . NGU D 2 . ? 6.131   -6.205  1.963   1.00 16.97 ? 14 NGU B O12   1 
HETATM 332 C "C1'" . NGU D 2 . ? 7.369   0.385   -2.665  1.00 20.57 ? 14 NGU B "C1'" 1 
HETATM 333 C "C2'" . NGU D 2 . ? 5.938   1.052   -2.623  1.00 20.83 ? 14 NGU B "C2'" 1 
HETATM 334 C "C3'" . NGU D 2 . ? 5.936   2.297   -1.707  1.00 20.95 ? 14 NGU B "C3'" 1 
HETATM 335 C "C4'" . NGU D 2 . ? 7.034   3.256   -2.201  1.00 21.21 ? 14 NGU B "C4'" 1 
HETATM 336 C "C5'" . NGU D 2 . ? 8.340   2.593   -2.187  1.00 21.21 ? 14 NGU B "C5'" 1 
HETATM 337 C C25   . NGU D 2 . ? 9.490   3.461   -2.807  1.00 21.16 ? 14 NGU B C25   1 
HETATM 338 C C26   . NGU D 2 . ? 7.582   5.161   -0.782  1.00 21.24 ? 14 NGU B C26   1 
HETATM 339 C C27   . NGU D 2 . ? 3.514   2.782   -1.181  1.00 20.80 ? 14 NGU B C27   1 
HETATM 340 C C28   . NGU D 2 . ? 6.069   1.663   -0.188  1.00 20.95 ? 14 NGU B C28   1 
HETATM 341 C C29   . NGU D 2 . ? 4.478   1.111   -4.614  1.00 20.96 ? 14 NGU B C29   1 
HETATM 342 O "O1'" . NGU D 2 . ? 8.361   1.386   -3.025  1.00 21.10 ? 14 NGU B "O1'" 1 
HETATM 343 O "O2'" . NGU D 2 . ? 5.663   1.568   -3.913  1.00 21.02 ? 14 NGU B "O2'" 1 
HETATM 344 O "O3'" . NGU D 2 . ? 4.749   2.990   -1.929  1.00 21.02 ? 14 NGU B "O3'" 1 
HETATM 345 O "O4'" . NGU D 2 . ? 7.001   4.615   -1.942  1.00 21.37 ? 14 NGU B "O4'" 1 
HETATM 346 C C30   . NGU D 2 . ? 3.450   -8.935  2.560   1.00 17.90 ? 14 NGU B C30   1 
HETATM 347 C C31   . NGU D 2 . ? 2.315   -8.329  3.328   1.00 18.00 ? 14 NGU B C31   1 
HETATM 348 C C32   . NGU D 2 . ? 1.129   -7.923  2.456   1.00 18.43 ? 14 NGU B C32   1 
HETATM 349 C C33   . NGU D 2 . ? 0.796   -8.859  1.307   1.00 18.01 ? 14 NGU B C33   1 
HETATM 350 C C34   . NGU D 2 . ? 2.044   -9.301  0.550   1.00 17.77 ? 14 NGU B C34   1 
HETATM 351 C C22   . NGU D 2 . ? 1.700   -10.494 -0.414  1.00 17.71 ? 14 NGU B C22   1 
HETATM 352 C C23   . NGU D 2 . ? -0.604  -6.198  3.017   1.00 19.18 ? 14 NGU B C23   1 
HETATM 353 C C24   . NGU D 2 . ? -0.502  -8.239  4.459   1.00 18.77 ? 14 NGU B C24   1 
HETATM 354 N N1    . NGU D 2 . ? -0.143  -7.557  3.144   1.00 18.51 ? 14 NGU B N1    1 
HETATM 355 O O2    . NGU D 2 . ? 2.942   -9.911  1.521   1.00 17.94 ? 14 NGU B O2    1 
HETATM 356 O O15   . NGU D 2 . ? 2.805   -7.249  4.136   1.00 18.34 ? 14 NGU B O15   1 
HETATM 357 O O16   . NGU D 2 . ? -0.089  -8.144  0.513   1.00 18.76 ? 14 NGU B O16   1 
HETATM 358 O O23   . NGU D 2 . ? -0.939  -5.000  3.185   1.00 19.76 ? 14 NGU B O23   1 
HETATM 359 O O     . HOH E 3 . ? 1.538   2.117   6.827   1.00 4.03  ? 15 HOH A O     1 
HETATM 360 O O     . HOH E 3 . ? 3.478   4.954   6.929   1.00 26.59 ? 27 HOH A O     1 
HETATM 361 O O     . HOH E 3 . ? 8.058   6.524   -5.070  1.00 30.61 ? 31 HOH A O     1 
HETATM 362 O O     . HOH E 3 . ? -4.348  14.121  -1.691  1.00 39.38 ? 33 HOH A O     1 
HETATM 363 O O     . HOH E 3 . ? 6.254   4.549   -7.086  1.00 22.29 ? 35 HOH A O     1 
HETATM 364 O O     . HOH E 3 . ? 1.942   7.826   -5.476  1.00 32.08 ? 36 HOH A O     1 
HETATM 365 O O     . HOH E 3 . ? -2.581  10.195  -3.793  1.00 36.63 ? 37 HOH A O     1 
HETATM 366 O O     . HOH E 3 . ? -2.467  10.030  -6.546  1.00 26.74 ? 38 HOH A O     1 
HETATM 367 O O     . HOH E 3 . ? 10.981  1.829   -15.771 1.00 52.74 ? 39 HOH A O     1 
HETATM 368 O O     . HOH E 3 . ? 8.203   6.434   -11.662 1.00 48.22 ? 45 HOH A O     1 
HETATM 369 O O     . HOH E 3 . ? -1.883  13.668  -0.672  1.00 19.70 ? 46 HOH A O     1 
HETATM 370 O O     . HOH E 3 . ? -4.026  2.958   -0.373  1.00 49.52 ? 47 HOH A O     1 
HETATM 371 O O     . HOH E 3 . ? 0.145   12.038  -2.741  1.00 29.41 ? 55 HOH A O     1 
HETATM 372 O O     . HOH E 3 . ? 4.634   6.742   -8.956  1.00 53.72 ? 56 HOH A O     1 
HETATM 373 O O     . HOH E 3 . ? -2.889  12.899  -6.596  1.00 33.75 ? 57 HOH A O     1 
HETATM 374 O O     . HOH E 3 . ? 1.271   3.961   -2.426  1.00 46.92 ? 58 HOH A O     1 
HETATM 375 O O     . HOH E 3 . ? 4.419   5.704   -5.290  1.00 64.90 ? 59 HOH A O     1 
HETATM 376 O O     . HOH E 3 . ? -8.865  8.230   -6.468  1.00 18.42 ? 63 HOH A O     1 
HETATM 377 O O     . HOH E 3 . ? 13.394  -10.038 4.129   1.00 42.98 ? 68 HOH A O     1 
HETATM 378 O O     . HOH E 3 . ? 3.815   6.724   -2.214  1.00 40.73 ? 69 HOH A O     1 
HETATM 379 O O     . HOH E 3 . ? 11.002  3.802   -12.322 1.00 35.47 ? 70 HOH A O     1 
HETATM 380 O O     . HOH E 3 . ? -1.620  4.584   -0.654  1.00 16.14 ? 71 HOH A O     1 
HETATM 381 O O     . HOH E 3 . ? -5.864  15.520  -3.385  1.00 47.42 ? 72 HOH A O     1 
HETATM 382 O O     . HOH E 3 . ? 0.748   5.775   -7.286  1.00 35.63 ? 73 HOH A O     1 
HETATM 383 O O     . HOH E 3 . ? -5.343  10.276  -6.882  1.00 23.43 ? 75 HOH A O     1 
HETATM 384 O O     . HOH E 3 . ? -8.094  11.559  -5.772  1.00 37.47 ? 76 HOH A O     1 
HETATM 385 O O     . HOH E 3 . ? -1.654  19.361  -2.683  1.00 21.81 ? 88 HOH A O     1 
HETATM 386 O O     . HOH F 3 . ? 2.635   -3.500  -21.461 1.00 30.29 ? 16 HOH B O     1 
HETATM 387 O O     . HOH F 3 . ? 14.120  -5.579  -2.643  1.00 12.43 ? 17 HOH B O     1 
HETATM 388 O O     . HOH F 3 . ? 3.421   3.741   -12.424 1.00 38.67 ? 18 HOH B O     1 
HETATM 389 O O     . HOH F 3 . ? 5.552   0.987   -10.873 1.00 30.16 ? 19 HOH B O     1 
HETATM 390 O O     . HOH F 3 . ? 15.911  -19.541 -3.882  1.00 14.21 ? 20 HOH B O     1 
HETATM 391 O O     . HOH F 3 . ? -2.691  -5.632  1.073   1.00 16.27 ? 21 HOH B O     1 
HETATM 392 O O     . HOH F 3 . ? 4.178   -10.195 -3.643  1.00 11.09 ? 22 HOH B O     1 
HETATM 393 O O     . HOH F 3 . ? 3.161   -5.632  -11.725 1.00 45.02 ? 23 HOH B O     1 
HETATM 394 O O     . HOH F 3 . ? -4.700  1.968   -7.525  1.00 43.88 ? 24 HOH B O     1 
HETATM 395 O O     . HOH F 3 . ? 6.851   -9.993  -7.552  1.00 25.56 ? 25 HOH B O     1 
HETATM 396 O O     . HOH F 3 . ? 5.508   -10.337 -11.234 1.00 38.45 ? 26 HOH B O     1 
HETATM 397 O O     . HOH F 3 . ? -7.872  -6.203  -2.375  1.00 12.99 ? 28 HOH B O     1 
HETATM 398 O O     . HOH F 3 . ? 16.285  -6.529  -6.216  1.00 32.25 ? 29 HOH B O     1 
HETATM 399 O O     . HOH F 3 . ? 2.956   -7.732  -18.729 1.00 16.42 ? 30 HOH B O     1 
HETATM 400 O O     . HOH F 3 . ? 11.419  3.266   -7.213  1.00 13.62 ? 32 HOH B O     1 
HETATM 401 O O     . HOH F 3 . ? 10.996  1.008   -8.815  1.00 49.67 ? 34 HOH B O     1 
HETATM 402 O O     . HOH F 3 . ? 5.436   -1.847  -14.408 1.00 26.55 ? 40 HOH B O     1 
HETATM 403 O O     . HOH F 3 . ? -6.742  4.374   -8.275  1.00 50.64 ? 41 HOH B O     1 
HETATM 404 O O     . HOH F 3 . ? 3.589   -12.324 -2.233  1.00 31.17 ? 42 HOH B O     1 
HETATM 405 O O     . HOH F 3 . ? 5.757   -5.933  -12.890 1.00 25.14 ? 43 HOH B O     1 
HETATM 406 O O     . HOH F 3 . ? -1.381  -1.880  -13.586 1.00 39.42 ? 44 HOH B O     1 
HETATM 407 O O     . HOH F 3 . ? 3.996   1.780   -15.599 1.00 40.64 ? 48 HOH B O     1 
HETATM 408 O O     . HOH F 3 . ? -4.811  6.095   -9.435  1.00 10.94 ? 49 HOH B O     1 
HETATM 409 O O     . HOH F 3 . ? 8.822   -8.095  -13.651 1.00 21.46 ? 50 HOH B O     1 
HETATM 410 O O     . HOH F 3 . ? 4.714   -15.590 -1.337  1.00 22.35 ? 51 HOH B O     1 
HETATM 411 O O     . HOH F 3 . ? 1.398   -5.792  -8.574  1.00 25.37 ? 52 HOH B O     1 
HETATM 412 O O     . HOH F 3 . ? 9.281   -21.464 -7.068  1.00 26.08 ? 53 HOH B O     1 
HETATM 413 O O     . HOH F 3 . ? -2.870  -6.087  -6.128  1.00 27.04 ? 54 HOH B O     1 
HETATM 414 O O     . HOH F 3 . ? 8.930   1.496   -13.029 1.00 19.68 ? 60 HOH B O     1 
HETATM 415 O O     . HOH F 3 . ? -5.557  4.969   -5.210  1.00 25.92 ? 61 HOH B O     1 
HETATM 416 O O     . HOH F 3 . ? 8.572   -7.931  -8.476  1.00 19.23 ? 62 HOH B O     1 
HETATM 417 O O     . HOH F 3 . ? 4.027   -8.290  -6.698  1.00 6.54  ? 64 HOH B O     1 
HETATM 418 O O     . HOH F 3 . ? -3.958  2.248   -12.337 1.00 22.56 ? 65 HOH B O     1 
HETATM 419 O O     . HOH F 3 . ? 11.747  0.025   -4.180  1.00 42.76 ? 66 HOH B O     1 
HETATM 420 O O     . HOH F 3 . ? 13.780  4.849   -9.605  1.00 47.54 ? 67 HOH B O     1 
HETATM 421 O O     . HOH F 3 . ? -2.385  2.615   -5.280  1.00 45.23 ? 74 HOH B O     1 
HETATM 422 O O     . HOH F 3 . ? -0.928  6.653   -10.767 1.00 27.35 ? 77 HOH B O     1 
HETATM 423 O O     . HOH F 3 . ? -3.265  9.013   -10.476 1.00 30.50 ? 78 HOH B O     1 
HETATM 424 O O     . HOH F 3 . ? -3.170  4.400   -10.803 1.00 43.83 ? 79 HOH B O     1 
HETATM 425 O O     . HOH F 3 . ? 2.270   -13.664 0.426   1.00 49.79 ? 80 HOH B O     1 
HETATM 426 O O     . HOH F 3 . ? -1.627  2.076   -13.707 1.00 30.55 ? 81 HOH B O     1 
HETATM 427 O O     . HOH F 3 . ? -6.348  -6.285  1.033   1.00 21.50 ? 82 HOH B O     1 
HETATM 428 O O     . HOH F 3 . ? 20.120  -9.802  -1.141  1.00 24.16 ? 83 HOH B O     1 
HETATM 429 O O     . HOH F 3 . ? -2.165  -4.081  -11.459 1.00 46.16 ? 84 HOH B O     1 
HETATM 430 O O     . HOH F 3 . ? 1.123   -3.855  -14.636 1.00 57.11 ? 85 HOH B O     1 
HETATM 431 O O     . HOH F 3 . ? 4.780   -6.080  -15.824 1.00 37.29 ? 86 HOH B O     1 
HETATM 432 O O     . HOH F 3 . ? 1.463   -14.368 -3.494  1.00 27.45 ? 87 HOH B O     1 
HETATM 433 O O     . HOH F 3 . ? 0.693   0.501   -16.366 1.00 29.93 ? 89 HOH B O     1 
# 
